data_5TES
#
_entry.id   5TES
#
_cell.length_a   56.170
_cell.length_b   85.140
_cell.length_c   199.010
_cell.angle_alpha   90.00
_cell.angle_beta   90.00
_cell.angle_gamma   90.00
#
_symmetry.space_group_name_H-M   'P 21 21 21'
#
loop_
_entity.id
_entity.type
_entity.pdbx_description
1 polymer 'ATP-citrate synthase'
2 polymer 'ATP-citrate synthase'
3 non-polymer 'CITRATE ANION'
4 non-polymer 'MAGNESIUM ION'
5 non-polymer "ADENOSINE-5'-DIPHOSPHATE"
6 water water
#
loop_
_entity_poly.entity_id
_entity_poly.type
_entity_poly.pdbx_seq_one_letter_code
_entity_poly.pdbx_strand_id
1 'polypeptide(L)'
;MSAKAISEQTGKELLYKFICTTSAIQNRFKYARVTPDTDWARLLQDHPWLLSQNLVVKPDQLIKRRGKLGLVGVNLTLDG
VKSWLKPRLGQEATVGKATGFLKNFLIEPFVPHSQAEEFYVCIYATREGDYVLFHHEGGVDVGDVDAKAQKLLVGVDEKL
NPEDIKKHLLVHAPEDKKEILASFISGLFNFYEDLYFTYLEINPLVVTKDGVYVLDLAAKVDATADYICKVKWGDIEFPP
PFGREAYPEEAYIADLDAKSGASLKLTLLNPKGRIWTMVAGGGASVVYSDTICDLGGVNELANYGEYSGAPSEQQTYDYA
KTILSLMTREKHPDGKILIIGGSIANFTNVAATFKGIVRAIRDYQGPLKEHEVTIFVRRGGPNYQEGLRVMGEVGKTTGI
PIHVFGTETHMTAIVGMALGHRPIPENLYFQ
;
A
2 'polypeptide(L)'
;SKSTTLFSRHTKAIVWGMQTRAVQGMLDFDYVCSRDEPSVAAMVYPFTGDHKQKFYWGHKEILIPVFKNMADAMRKHPEV
DVLINFASLRSAYDSTMETMNYAQIRTIAIIAEGIPEALTRKLIKKADQKGVTIIGPATVGGIKPGCFKIGNTGGMLDNI
LASKLYRPGSVAYVSRSGGMSNELNNIISRTTDGVYEGVAIGGDRYPGSTFMDHVLRYQDTPGVKMIVVLGEIGGTEEYK
ICRGIKEGRLTKPIVCWCIGTCATMFSSEVQFG(NEP)AGACANQASETAVAKNQALKEAGVFVPRSFDELGEIIQSVYE
DLVANGVI
;
B
#
loop_
_chem_comp.id
_chem_comp.type
_chem_comp.name
_chem_comp.formula
ADP non-polymer ADENOSINE-5'-DIPHOSPHATE 'C10 H15 N5 O10 P2'
FLC non-polymer 'CITRATE ANION' 'C6 H5 O7 -3'
MG non-polymer 'MAGNESIUM ION' 'Mg 2'
#
# COMPACT_ATOMS: atom_id res chain seq x y z
N SER A 2 3.26 3.00 4.64
CA SER A 2 4.24 2.17 3.95
C SER A 2 5.63 2.33 4.55
N ALA A 3 6.46 1.31 4.39
CA ALA A 3 7.86 1.40 4.79
C ALA A 3 8.63 2.25 3.80
N LYS A 4 9.40 3.20 4.31
CA LYS A 4 10.13 4.16 3.47
C LYS A 4 11.60 4.12 3.82
N ALA A 5 12.44 4.22 2.78
CA ALA A 5 13.88 4.24 2.97
C ALA A 5 14.33 5.60 3.50
N ILE A 6 15.32 5.58 4.38
CA ILE A 6 15.98 6.78 4.85
C ILE A 6 17.41 6.77 4.36
N SER A 7 18.01 7.95 4.30
CA SER A 7 19.39 8.06 3.85
C SER A 7 20.32 7.36 4.83
N GLU A 8 21.54 7.07 4.36
CA GLU A 8 22.55 6.52 5.26
C GLU A 8 22.83 7.49 6.40
N GLN A 9 22.87 8.78 6.10
CA GLN A 9 23.17 9.78 7.13
C GLN A 9 22.08 9.80 8.20
N THR A 10 20.82 9.92 7.77
CA THR A 10 19.70 9.89 8.72
C THR A 10 19.76 8.66 9.59
N GLY A 11 19.97 7.48 8.97
CA GLY A 11 20.05 6.27 9.75
C GLY A 11 21.23 6.28 10.70
N LYS A 12 22.39 6.76 10.24
CA LYS A 12 23.55 6.83 11.11
C LYS A 12 23.33 7.83 12.25
N GLU A 13 22.70 8.98 11.95
CA GLU A 13 22.42 9.95 13.00
C GLU A 13 21.54 9.34 14.07
N LEU A 14 20.48 8.63 13.66
CA LEU A 14 19.58 8.03 14.64
C LEU A 14 20.28 6.96 15.45
N LEU A 15 21.04 6.09 14.78
CA LEU A 15 21.78 5.05 15.50
C LEU A 15 22.73 5.66 16.53
N TYR A 16 23.58 6.58 16.09
CA TYR A 16 24.54 7.21 17.00
C TYR A 16 23.83 7.85 18.19
N LYS A 17 22.65 8.43 17.96
CA LYS A 17 21.98 9.17 19.02
C LYS A 17 21.28 8.26 20.02
N PHE A 18 20.70 7.15 19.56
CA PHE A 18 19.76 6.39 20.37
C PHE A 18 20.18 4.98 20.73
N ILE A 19 21.17 4.39 20.03
CA ILE A 19 21.54 3.02 20.35
C ILE A 19 22.17 2.96 21.73
N CYS A 20 21.81 1.94 22.49
CA CYS A 20 22.34 1.71 23.83
C CYS A 20 23.14 0.41 23.80
N THR A 21 24.45 0.51 24.00
CA THR A 21 25.31 -0.67 23.93
C THR A 21 26.52 -0.50 24.83
N THR A 22 26.94 -1.60 25.46
CA THR A 22 28.22 -1.63 26.15
C THR A 22 29.34 -1.17 25.22
N SER A 23 29.26 -1.56 23.95
CA SER A 23 30.32 -1.23 23.00
C SER A 23 30.41 0.27 22.81
N ALA A 24 31.62 0.80 22.96
CA ALA A 24 31.91 2.16 22.50
C ALA A 24 31.89 2.16 20.98
N ILE A 25 30.90 2.85 20.40
CA ILE A 25 30.83 3.03 18.96
C ILE A 25 31.69 4.22 18.58
N GLN A 26 32.52 4.06 17.56
CA GLN A 26 33.54 5.03 17.22
C GLN A 26 33.06 5.96 16.10
N ASN A 27 33.70 7.13 16.03
CA ASN A 27 33.44 8.10 14.96
C ASN A 27 31.96 8.49 14.92
N ARG A 28 31.38 8.70 16.09
CA ARG A 28 29.98 9.08 16.17
C ARG A 28 29.78 10.50 15.66
N PHE A 29 28.80 10.67 14.77
CA PHE A 29 28.46 11.95 14.15
C PHE A 29 29.59 12.53 13.32
N LYS A 30 30.66 11.77 13.10
CA LYS A 30 31.82 12.26 12.35
C LYS A 30 31.62 12.00 10.86
N TYR A 31 30.72 12.78 10.26
CA TYR A 31 30.50 12.74 8.83
C TYR A 31 30.25 14.15 8.33
N ALA A 32 30.55 14.35 7.04
CA ALA A 32 30.34 15.63 6.38
C ALA A 32 29.52 15.40 5.12
N ARG A 33 28.39 16.09 5.03
CA ARG A 33 27.53 16.03 3.86
C ARG A 33 27.95 17.09 2.87
N VAL A 34 28.01 16.72 1.59
CA VAL A 34 28.56 17.56 0.55
C VAL A 34 27.65 17.52 -0.67
N THR A 35 27.41 18.68 -1.27
CA THR A 35 26.60 18.84 -2.46
C THR A 35 27.35 19.71 -3.45
N PRO A 36 26.84 19.87 -4.67
CA PRO A 36 27.48 20.79 -5.61
C PRO A 36 27.54 22.22 -5.12
N ASP A 37 26.68 22.61 -4.19
CA ASP A 37 26.68 23.96 -3.63
C ASP A 37 27.58 24.09 -2.41
N THR A 38 28.19 23.00 -1.96
CA THR A 38 28.95 23.02 -0.71
C THR A 38 29.99 24.13 -0.70
N ASP A 39 29.91 24.98 0.33
CA ASP A 39 30.95 25.97 0.59
C ASP A 39 32.07 25.24 1.32
N TRP A 40 33.13 24.89 0.58
CA TRP A 40 34.16 24.03 1.13
C TRP A 40 34.95 24.71 2.25
N ALA A 41 35.05 26.04 2.22
CA ALA A 41 35.67 26.74 3.35
C ALA A 41 34.78 26.68 4.58
N ARG A 42 33.48 26.92 4.39
CA ARG A 42 32.53 26.80 5.49
C ARG A 42 32.44 25.36 5.99
N LEU A 43 32.59 24.38 5.10
CA LEU A 43 32.57 22.98 5.52
C LEU A 43 33.73 22.68 6.45
N LEU A 44 34.91 23.24 6.15
CA LEU A 44 36.07 23.02 7.01
C LEU A 44 35.98 23.79 8.32
N GLN A 45 35.26 24.92 8.31
CA GLN A 45 34.96 25.60 9.57
C GLN A 45 34.14 24.69 10.49
N ASP A 46 33.08 24.08 9.95
CA ASP A 46 32.19 23.25 10.76
C ASP A 46 32.79 21.89 11.08
N HIS A 47 33.67 21.37 10.22
CA HIS A 47 34.20 20.02 10.34
C HIS A 47 35.71 20.06 10.21
N PRO A 48 36.42 20.59 11.20
CA PRO A 48 37.89 20.65 11.12
C PRO A 48 38.53 19.27 11.05
N TRP A 49 37.85 18.22 11.49
CA TRP A 49 38.43 16.88 11.47
C TRP A 49 38.69 16.36 10.07
N LEU A 50 38.20 17.05 9.03
CA LEU A 50 38.44 16.61 7.66
C LEU A 50 39.92 16.66 7.29
N LEU A 51 40.73 17.40 8.04
CA LEU A 51 42.15 17.49 7.79
C LEU A 51 42.99 16.64 8.73
N SER A 52 42.35 15.99 9.72
CA SER A 52 43.09 15.28 10.75
C SER A 52 43.47 13.86 10.33
N GLN A 53 42.80 13.29 9.34
CA GLN A 53 43.10 11.94 8.88
C GLN A 53 42.51 11.77 7.49
N ASN A 54 42.85 10.65 6.86
CA ASN A 54 42.34 10.38 5.52
C ASN A 54 40.87 10.00 5.59
N LEU A 55 40.20 10.11 4.45
CA LEU A 55 38.75 10.14 4.40
C LEU A 55 38.22 9.11 3.41
N VAL A 56 36.91 8.88 3.49
CA VAL A 56 36.16 8.08 2.53
C VAL A 56 34.98 8.92 2.07
N VAL A 57 34.76 8.94 0.75
CA VAL A 57 33.68 9.72 0.15
C VAL A 57 32.83 8.80 -0.71
N LYS A 58 31.52 9.00 -0.68
CA LYS A 58 30.60 8.13 -1.40
C LYS A 58 29.24 8.82 -1.48
N PRO A 59 28.46 8.54 -2.51
CA PRO A 59 27.11 9.11 -2.58
C PRO A 59 26.17 8.43 -1.61
N ASP A 60 25.34 9.24 -0.94
CA ASP A 60 24.27 8.75 -0.08
C ASP A 60 22.95 9.12 -0.75
N GLN A 61 22.54 8.30 -1.71
CA GLN A 61 21.32 8.53 -2.47
C GLN A 61 20.58 7.23 -2.73
N LEU A 62 20.67 6.28 -1.81
CA LEU A 62 20.00 4.99 -1.95
C LEU A 62 20.50 4.25 -3.19
N ILE A 63 21.78 4.43 -3.49
CA ILE A 63 22.48 3.67 -4.52
C ILE A 63 23.19 2.52 -3.85
N LYS A 64 22.93 1.30 -4.31
CA LYS A 64 23.54 0.12 -3.72
C LYS A 64 24.85 -0.23 -4.43
N ARG A 65 25.63 -1.10 -3.78
CA ARG A 65 26.95 -1.53 -4.26
C ARG A 65 27.68 -0.38 -4.96
N ARG A 66 27.88 0.70 -4.19
CA ARG A 66 28.62 1.85 -4.71
C ARG A 66 30.08 1.49 -4.97
N GLY A 67 30.63 0.53 -4.22
CA GLY A 67 31.99 0.09 -4.47
C GLY A 67 32.15 -0.51 -5.85
N LYS A 68 31.27 -1.45 -6.20
CA LYS A 68 31.36 -2.09 -7.52
C LYS A 68 31.23 -1.07 -8.64
N LEU A 69 30.55 0.05 -8.38
CA LEU A 69 30.36 1.09 -9.37
C LEU A 69 31.46 2.15 -9.35
N GLY A 70 32.51 1.92 -8.56
CA GLY A 70 33.57 2.91 -8.44
C GLY A 70 33.17 4.18 -7.74
N LEU A 71 32.13 4.14 -6.91
CA LEU A 71 31.58 5.33 -6.27
C LEU A 71 31.94 5.43 -4.79
N VAL A 72 33.01 4.77 -4.36
CA VAL A 72 33.55 4.95 -3.03
C VAL A 72 35.04 5.22 -3.18
N GLY A 73 35.46 6.44 -2.86
CA GLY A 73 36.88 6.78 -2.80
C GLY A 73 37.38 6.54 -1.39
N VAL A 74 38.43 5.73 -1.28
CA VAL A 74 38.85 5.17 0.00
C VAL A 74 40.25 5.66 0.33
N ASN A 75 40.43 6.10 1.58
CA ASN A 75 41.73 6.53 2.11
C ASN A 75 42.30 7.68 1.27
N LEU A 76 41.57 8.78 1.28
CA LEU A 76 41.94 9.97 0.50
C LEU A 76 42.12 11.16 1.44
N THR A 77 43.14 11.96 1.16
CA THR A 77 43.21 13.27 1.77
C THR A 77 42.02 14.10 1.29
N LEU A 78 41.80 15.25 1.93
CA LEU A 78 40.73 16.13 1.49
C LEU A 78 40.93 16.52 0.03
N ASP A 79 42.16 16.91 -0.32
CA ASP A 79 42.46 17.22 -1.72
C ASP A 79 42.10 16.05 -2.63
N GLY A 80 42.43 14.82 -2.20
CA GLY A 80 42.06 13.66 -2.97
C GLY A 80 40.56 13.51 -3.09
N VAL A 81 39.84 13.79 -2.02
CA VAL A 81 38.37 13.77 -2.07
C VAL A 81 37.87 14.76 -3.11
N LYS A 82 38.43 15.97 -3.11
CA LYS A 82 37.99 16.98 -4.07
C LYS A 82 38.28 16.53 -5.50
N SER A 83 39.50 16.04 -5.75
CA SER A 83 39.84 15.54 -7.08
C SER A 83 38.95 14.36 -7.45
N TRP A 84 38.73 13.44 -6.52
CA TRP A 84 37.84 12.31 -6.77
C TRP A 84 36.42 12.78 -7.07
N LEU A 85 35.95 13.80 -6.35
CA LEU A 85 34.61 14.32 -6.59
C LEU A 85 34.52 15.09 -7.91
N LYS A 86 35.64 15.54 -8.45
CA LYS A 86 35.61 16.42 -9.62
C LYS A 86 34.86 15.81 -10.79
N PRO A 87 35.13 14.58 -11.22
CA PRO A 87 34.38 13.99 -12.33
C PRO A 87 33.08 13.32 -11.93
N ARG A 88 32.64 13.44 -10.68
CA ARG A 88 31.45 12.74 -10.19
C ARG A 88 30.40 13.68 -9.63
N LEU A 89 30.78 14.61 -8.78
CA LEU A 89 29.81 15.52 -8.17
C LEU A 89 29.12 16.34 -9.24
N GLY A 90 27.78 16.36 -9.19
CA GLY A 90 26.99 17.12 -10.14
C GLY A 90 26.83 16.47 -11.50
N GLN A 91 27.48 15.33 -11.74
CA GLN A 91 27.41 14.67 -13.03
C GLN A 91 26.21 13.73 -13.11
N GLU A 92 25.65 13.60 -14.30
CA GLU A 92 24.59 12.63 -14.52
C GLU A 92 25.18 11.23 -14.57
N ALA A 93 24.46 10.27 -14.01
CA ALA A 93 24.97 8.91 -13.90
C ALA A 93 23.82 7.92 -14.03
N THR A 94 24.06 6.85 -14.78
CA THR A 94 23.12 5.74 -14.90
C THR A 94 23.61 4.58 -14.05
N VAL A 95 22.75 4.09 -13.16
CA VAL A 95 23.03 2.93 -12.34
C VAL A 95 21.93 1.92 -12.61
N GLY A 96 22.32 0.74 -13.09
CA GLY A 96 21.32 -0.19 -13.59
C GLY A 96 20.58 0.45 -14.74
N LYS A 97 19.29 0.69 -14.55
CA LYS A 97 18.48 1.39 -15.55
C LYS A 97 17.98 2.74 -15.05
N ALA A 98 18.35 3.15 -13.84
CA ALA A 98 17.98 4.44 -13.30
C ALA A 98 19.04 5.48 -13.64
N THR A 99 18.59 6.64 -14.13
CA THR A 99 19.49 7.74 -14.47
C THR A 99 19.17 8.92 -13.55
N GLY A 100 20.22 9.48 -12.95
CA GLY A 100 20.05 10.59 -12.04
C GLY A 100 21.34 11.36 -11.88
N PHE A 101 21.28 12.40 -11.05
CA PHE A 101 22.40 13.28 -10.80
C PHE A 101 23.06 12.92 -9.46
N LEU A 102 24.38 12.74 -9.49
CA LEU A 102 25.15 12.53 -8.27
C LEU A 102 25.36 13.89 -7.60
N LYS A 103 24.72 14.09 -6.44
CA LYS A 103 24.70 15.42 -5.84
C LYS A 103 24.66 15.42 -4.31
N ASN A 104 24.79 14.27 -3.64
CA ASN A 104 24.74 14.24 -2.18
C ASN A 104 25.70 13.15 -1.71
N PHE A 105 26.83 13.56 -1.13
CA PHE A 105 27.90 12.66 -0.76
C PHE A 105 28.20 12.78 0.74
N LEU A 106 28.59 11.65 1.33
CA LEU A 106 29.10 11.60 2.68
C LEU A 106 30.62 11.55 2.66
N ILE A 107 31.25 12.32 3.55
CA ILE A 107 32.68 12.22 3.80
C ILE A 107 32.86 11.81 5.25
N GLU A 108 33.48 10.66 5.47
CA GLU A 108 33.71 10.10 6.78
C GLU A 108 35.18 9.76 6.94
N PRO A 109 35.66 9.62 8.18
CA PRO A 109 37.06 9.22 8.37
C PRO A 109 37.30 7.82 7.85
N PHE A 110 38.47 7.63 7.23
CA PHE A 110 38.91 6.29 6.84
C PHE A 110 39.27 5.49 8.08
N VAL A 111 38.73 4.29 8.18
CA VAL A 111 38.97 3.40 9.32
C VAL A 111 39.83 2.24 8.83
N PRO A 112 41.12 2.19 9.15
CA PRO A 112 41.92 1.02 8.79
C PRO A 112 41.43 -0.22 9.53
N HIS A 113 41.50 -1.35 8.85
CA HIS A 113 41.02 -2.62 9.38
C HIS A 113 41.30 -3.69 8.34
N SER A 114 41.26 -4.94 8.77
CA SER A 114 41.47 -6.07 7.89
C SER A 114 40.15 -6.54 7.30
N GLN A 115 40.23 -7.46 6.34
CA GLN A 115 39.03 -8.09 5.82
C GLN A 115 38.35 -8.96 6.87
N ALA A 116 39.14 -9.56 7.77
CA ALA A 116 38.57 -10.36 8.84
C ALA A 116 37.77 -9.53 9.82
N GLU A 117 37.95 -8.20 9.82
CA GLU A 117 37.25 -7.32 10.73
C GLU A 117 36.00 -6.70 10.11
N GLU A 118 35.65 -7.10 8.90
CA GLU A 118 34.41 -6.65 8.25
C GLU A 118 33.31 -7.69 8.48
N PHE A 119 32.20 -7.24 9.07
CA PHE A 119 31.11 -8.13 9.43
C PHE A 119 29.81 -7.64 8.78
N TYR A 120 28.86 -8.56 8.68
CA TYR A 120 27.56 -8.29 8.10
C TYR A 120 26.48 -8.43 9.16
N VAL A 121 25.58 -7.45 9.24
CA VAL A 121 24.46 -7.49 10.15
C VAL A 121 23.23 -6.98 9.40
N CYS A 122 22.09 -7.64 9.61
CA CYS A 122 20.86 -7.22 8.98
C CYS A 122 19.68 -7.64 9.82
N ILE A 123 18.66 -6.77 9.88
CA ILE A 123 17.40 -7.07 10.54
C ILE A 123 16.29 -6.60 9.61
N TYR A 124 15.37 -7.50 9.25
CA TYR A 124 14.22 -7.14 8.44
C TYR A 124 12.98 -7.82 8.99
N ALA A 125 11.84 -7.23 8.69
CA ALA A 125 10.55 -7.65 9.24
C ALA A 125 9.82 -8.56 8.27
N THR A 126 9.12 -9.55 8.83
CA THR A 126 8.18 -10.39 8.10
C THR A 126 6.89 -10.47 8.92
N ARG A 127 5.92 -11.21 8.38
CA ARG A 127 4.64 -11.36 9.08
C ARG A 127 4.84 -12.07 10.42
N GLU A 128 5.66 -13.11 10.44
CA GLU A 128 5.85 -13.91 11.66
C GLU A 128 6.88 -13.31 12.61
N GLY A 129 7.52 -12.21 12.27
CA GLY A 129 8.47 -11.58 13.16
C GLY A 129 9.60 -10.93 12.39
N ASP A 130 10.72 -10.76 13.09
CA ASP A 130 11.89 -10.06 12.57
C ASP A 130 13.07 -11.02 12.51
N TYR A 131 13.70 -11.10 11.35
CA TYR A 131 14.85 -11.99 11.15
C TYR A 131 16.14 -11.23 11.38
N VAL A 132 17.04 -11.81 12.17
CA VAL A 132 18.33 -11.23 12.49
C VAL A 132 19.41 -12.08 11.83
N LEU A 133 20.23 -11.45 10.99
CA LEU A 133 21.26 -12.14 10.22
C LEU A 133 22.65 -11.66 10.65
N PHE A 134 23.61 -12.57 10.57
CA PHE A 134 25.02 -12.23 10.77
C PHE A 134 25.87 -13.10 9.87
N HIS A 135 26.93 -12.51 9.32
CA HIS A 135 27.94 -13.26 8.56
C HIS A 135 29.31 -12.70 8.92
N HIS A 136 30.24 -13.60 9.22
CA HIS A 136 31.59 -13.18 9.61
C HIS A 136 32.39 -12.67 8.43
N GLU A 137 31.97 -12.97 7.20
CA GLU A 137 32.64 -12.49 5.99
C GLU A 137 31.82 -11.33 5.43
N GLY A 138 31.98 -10.16 6.05
CA GLY A 138 31.31 -8.96 5.59
C GLY A 138 32.02 -8.35 4.40
N GLY A 139 31.44 -7.26 3.91
CA GLY A 139 32.04 -6.48 2.84
C GLY A 139 31.28 -6.60 1.54
N VAL A 140 31.88 -6.00 0.50
CA VAL A 140 31.22 -5.84 -0.79
C VAL A 140 30.96 -7.15 -1.53
N ASP A 141 31.42 -8.28 -1.00
CA ASP A 141 31.32 -9.56 -1.70
C ASP A 141 30.48 -10.58 -0.93
N VAL A 142 29.62 -10.13 -0.01
CA VAL A 142 28.67 -11.03 0.61
C VAL A 142 27.71 -11.58 -0.45
N LYS A 148 23.60 -18.39 3.14
CA LYS A 148 24.87 -18.79 3.74
C LYS A 148 25.12 -18.03 5.04
N ALA A 149 24.38 -16.93 5.24
CA ALA A 149 24.49 -16.17 6.47
C ALA A 149 23.68 -16.81 7.58
N GLN A 150 24.19 -16.71 8.80
CA GLN A 150 23.44 -17.18 9.97
C GLN A 150 22.19 -16.32 10.13
N LYS A 151 21.13 -16.94 10.65
CA LYS A 151 19.83 -16.32 10.64
C LYS A 151 18.96 -16.95 11.71
N LEU A 152 18.09 -16.14 12.31
CA LEU A 152 17.15 -16.64 13.30
C LEU A 152 15.97 -15.68 13.39
N LEU A 153 14.78 -16.25 13.57
CA LEU A 153 13.55 -15.49 13.69
C LEU A 153 13.35 -15.05 15.13
N VAL A 154 13.06 -13.76 15.33
CA VAL A 154 12.63 -13.25 16.62
C VAL A 154 11.12 -13.06 16.54
N GLY A 155 10.39 -13.88 17.28
CA GLY A 155 8.94 -13.84 17.26
C GLY A 155 8.39 -12.46 17.60
N VAL A 156 7.09 -12.30 17.33
CA VAL A 156 6.47 -10.98 17.35
C VAL A 156 6.62 -10.33 18.71
N ASP A 157 6.33 -11.07 19.78
CA ASP A 157 6.53 -10.58 21.14
C ASP A 157 7.75 -11.21 21.80
N GLU A 158 8.61 -11.85 21.02
CA GLU A 158 9.82 -12.45 21.57
C GLU A 158 10.91 -11.41 21.76
N LYS A 159 11.82 -11.69 22.68
CA LYS A 159 12.99 -10.86 22.91
C LYS A 159 14.23 -11.60 22.43
N LEU A 160 15.17 -10.84 21.88
CA LEU A 160 16.42 -11.40 21.37
C LEU A 160 17.33 -11.70 22.55
N ASN A 161 17.42 -12.98 22.93
CA ASN A 161 18.23 -13.31 24.09
C ASN A 161 19.70 -13.41 23.67
N PRO A 162 20.61 -12.70 24.32
CA PRO A 162 22.00 -12.62 23.81
C PRO A 162 22.70 -13.95 23.68
N GLU A 163 22.20 -15.01 24.33
CA GLU A 163 22.85 -16.30 24.22
C GLU A 163 22.59 -16.97 22.87
N ASP A 164 21.43 -16.69 22.26
CA ASP A 164 21.22 -17.15 20.89
C ASP A 164 22.09 -16.38 19.92
N ILE A 165 22.27 -15.08 20.14
CA ILE A 165 23.26 -14.33 19.38
C ILE A 165 24.61 -15.02 19.48
N LYS A 166 25.03 -15.34 20.70
CA LYS A 166 26.34 -15.96 20.91
C LYS A 166 26.36 -17.38 20.35
N LYS A 167 25.33 -18.16 20.62
CA LYS A 167 25.38 -19.58 20.27
C LYS A 167 25.22 -19.78 18.76
N HIS A 168 24.23 -19.14 18.14
CA HIS A 168 23.93 -19.41 16.74
C HIS A 168 24.62 -18.41 15.80
N LEU A 169 24.36 -17.12 15.99
CA LEU A 169 24.76 -16.14 14.98
C LEU A 169 26.28 -16.02 14.89
N LEU A 170 26.99 -16.12 16.01
CA LEU A 170 28.41 -15.81 16.06
C LEU A 170 29.29 -17.05 15.99
N VAL A 171 28.73 -18.21 15.63
CA VAL A 171 29.54 -19.44 15.57
C VAL A 171 30.84 -19.20 14.82
N HIS A 172 30.76 -18.52 13.67
CA HIS A 172 31.92 -18.32 12.83
C HIS A 172 32.64 -17.00 13.10
N ALA A 173 32.21 -16.26 14.13
CA ALA A 173 32.88 -15.01 14.47
C ALA A 173 34.14 -15.28 15.29
N PRO A 174 35.19 -14.48 15.11
CA PRO A 174 36.39 -14.67 15.94
C PRO A 174 36.04 -14.58 17.42
N GLU A 175 36.72 -15.40 18.22
CA GLU A 175 36.34 -15.56 19.62
C GLU A 175 36.47 -14.24 20.38
N ASP A 176 37.54 -13.48 20.13
CA ASP A 176 37.77 -12.25 20.89
C ASP A 176 36.65 -11.25 20.67
N LYS A 177 36.12 -11.16 19.45
CA LYS A 177 35.15 -10.13 19.10
C LYS A 177 33.71 -10.55 19.36
N LYS A 178 33.49 -11.65 20.10
CA LYS A 178 32.14 -12.18 20.23
C LYS A 178 31.30 -11.41 21.24
N GLU A 179 31.89 -10.95 22.34
CA GLU A 179 31.08 -10.26 23.34
C GLU A 179 30.70 -8.86 22.87
N ILE A 180 31.62 -8.16 22.19
CA ILE A 180 31.28 -6.84 21.68
C ILE A 180 30.27 -6.94 20.55
N LEU A 181 30.41 -7.98 19.71
CA LEU A 181 29.43 -8.20 18.64
C LEU A 181 28.07 -8.56 19.21
N ALA A 182 28.04 -9.44 20.21
CA ALA A 182 26.78 -9.81 20.84
C ALA A 182 26.07 -8.59 21.40
N SER A 183 26.83 -7.73 22.10
CA SER A 183 26.22 -6.56 22.72
C SER A 183 25.72 -5.57 21.68
N PHE A 184 26.50 -5.36 20.61
CA PHE A 184 26.06 -4.41 19.59
C PHE A 184 24.80 -4.88 18.88
N ILE A 185 24.76 -6.15 18.50
CA ILE A 185 23.58 -6.68 17.81
C ILE A 185 22.36 -6.60 18.72
N SER A 186 22.56 -6.80 20.02
CA SER A 186 21.45 -6.67 20.96
C SER A 186 20.97 -5.23 21.04
N GLY A 187 21.91 -4.28 21.13
CA GLY A 187 21.52 -2.87 21.11
C GLY A 187 20.89 -2.48 19.79
N LEU A 188 21.42 -3.00 18.68
CA LEU A 188 20.86 -2.69 17.37
C LEU A 188 19.40 -3.12 17.29
N PHE A 189 19.08 -4.30 17.82
CA PHE A 189 17.71 -4.80 17.70
C PHE A 189 16.73 -3.95 18.50
N ASN A 190 17.11 -3.54 19.72
CA ASN A 190 16.22 -2.70 20.51
C ASN A 190 15.98 -1.36 19.81
N PHE A 191 17.04 -0.76 19.26
CA PHE A 191 16.89 0.47 18.48
C PHE A 191 16.00 0.25 17.27
N TYR A 192 16.16 -0.90 16.62
CA TYR A 192 15.30 -1.26 15.49
C TYR A 192 13.83 -1.24 15.88
N GLU A 193 13.49 -1.82 17.04
CA GLU A 193 12.11 -1.87 17.46
C GLU A 193 11.60 -0.49 17.87
N ASP A 194 12.35 0.20 18.74
CA ASP A 194 11.86 1.44 19.34
C ASP A 194 11.52 2.47 18.27
N LEU A 195 12.34 2.58 17.23
CA LEU A 195 12.13 3.59 16.18
C LEU A 195 11.39 3.02 14.98
N TYR A 196 10.84 1.81 15.10
CA TYR A 196 9.94 1.25 14.08
C TYR A 196 10.64 1.10 12.73
N PHE A 197 11.86 0.58 12.75
CA PHE A 197 12.49 0.13 11.53
C PHE A 197 11.82 -1.15 11.03
N THR A 198 11.75 -1.29 9.71
CA THR A 198 11.34 -2.54 9.07
C THR A 198 12.47 -3.20 8.31
N TYR A 199 13.57 -2.49 8.08
CA TYR A 199 14.74 -3.04 7.43
C TYR A 199 15.94 -2.22 7.89
N LEU A 200 17.05 -2.91 8.19
CA LEU A 200 18.23 -2.24 8.70
C LEU A 200 19.43 -3.13 8.40
N GLU A 201 20.31 -2.66 7.51
CA GLU A 201 21.48 -3.41 7.09
C GLU A 201 22.72 -2.58 7.35
N ILE A 202 23.72 -3.19 7.98
CA ILE A 202 25.02 -2.58 8.20
C ILE A 202 26.03 -3.48 7.52
N ASN A 203 26.49 -3.07 6.33
CA ASN A 203 27.46 -3.88 5.60
C ASN A 203 28.52 -2.97 4.98
N PRO A 204 29.74 -2.95 5.55
CA PRO A 204 30.23 -3.75 6.67
C PRO A 204 30.13 -3.07 8.03
N LEU A 205 29.89 -3.88 9.06
CA LEU A 205 30.16 -3.49 10.43
C LEU A 205 31.59 -3.89 10.75
N VAL A 206 32.38 -2.93 11.23
CA VAL A 206 33.80 -3.14 11.48
C VAL A 206 34.05 -3.17 12.97
N VAL A 207 34.84 -4.14 13.43
CA VAL A 207 35.30 -4.22 14.81
C VAL A 207 36.81 -4.35 14.77
N THR A 208 37.49 -3.38 15.35
CA THR A 208 38.93 -3.47 15.59
C THR A 208 39.15 -3.45 17.10
N LYS A 209 40.42 -3.40 17.49
CA LYS A 209 40.74 -3.31 18.91
C LYS A 209 40.24 -2.01 19.55
N ASP A 210 39.84 -1.03 18.74
CA ASP A 210 39.35 0.25 19.25
C ASP A 210 37.83 0.32 19.33
N GLY A 211 37.11 -0.71 18.87
CA GLY A 211 35.68 -0.78 19.06
C GLY A 211 34.95 -0.98 17.74
N VAL A 212 33.70 -0.54 17.72
CA VAL A 212 32.75 -0.84 16.65
C VAL A 212 32.62 0.37 15.74
N TYR A 213 32.63 0.13 14.43
CA TYR A 213 32.47 1.18 13.42
C TYR A 213 31.30 0.83 12.51
N VAL A 214 30.44 1.81 12.26
CA VAL A 214 29.30 1.64 11.35
C VAL A 214 29.71 2.31 10.05
N LEU A 215 30.34 1.51 9.17
CA LEU A 215 30.86 2.08 7.92
C LEU A 215 29.73 2.35 6.93
N ASP A 216 28.74 1.46 6.86
CA ASP A 216 27.65 1.57 5.91
C ASP A 216 26.33 1.30 6.62
N LEU A 217 25.25 1.88 6.09
CA LEU A 217 23.93 1.67 6.67
C LEU A 217 22.87 1.88 5.61
N ALA A 218 21.99 0.91 5.45
CA ALA A 218 20.77 1.02 4.66
C ALA A 218 19.59 0.66 5.54
N ALA A 219 18.47 1.35 5.37
CA ALA A 219 17.36 1.15 6.30
C ALA A 219 16.05 1.64 5.71
N LYS A 220 14.97 1.02 6.19
CA LYS A 220 13.61 1.49 5.98
C LYS A 220 12.92 1.58 7.33
N VAL A 221 12.03 2.57 7.47
CA VAL A 221 11.24 2.72 8.68
C VAL A 221 9.76 2.78 8.31
N ASP A 222 8.91 2.39 9.25
CA ASP A 222 7.47 2.38 9.04
C ASP A 222 6.95 3.80 9.16
N ALA A 223 6.78 4.47 8.01
CA ALA A 223 6.38 5.87 8.03
C ALA A 223 5.05 6.08 8.74
N THR A 224 4.19 5.06 8.78
CA THR A 224 2.91 5.19 9.45
C THR A 224 3.06 5.45 10.95
N ALA A 225 4.23 5.13 11.52
CA ALA A 225 4.45 5.25 12.94
C ALA A 225 5.01 6.60 13.34
N ASP A 226 4.77 7.64 12.54
CA ASP A 226 5.28 8.97 12.91
C ASP A 226 4.64 9.46 14.19
N TYR A 227 3.31 9.33 14.30
CA TYR A 227 2.63 9.80 15.51
C TYR A 227 3.18 9.15 16.76
N ILE A 228 3.75 7.95 16.64
CA ILE A 228 4.37 7.29 17.78
C ILE A 228 5.80 7.81 18.00
N CYS A 229 6.53 8.08 16.92
CA CYS A 229 7.97 8.21 16.98
C CYS A 229 8.50 9.61 16.69
N LYS A 230 7.64 10.59 16.43
CA LYS A 230 8.12 11.85 15.87
C LYS A 230 9.08 12.58 16.81
N VAL A 231 8.99 12.34 18.12
CA VAL A 231 9.92 12.97 19.05
C VAL A 231 11.35 12.60 18.69
N LYS A 232 11.61 11.32 18.46
CA LYS A 232 12.96 10.87 18.15
C LYS A 232 13.31 11.01 16.68
N TRP A 233 12.35 10.76 15.79
CA TRP A 233 12.62 10.89 14.36
C TRP A 233 13.00 12.32 13.98
N GLY A 234 12.43 13.31 14.67
CA GLY A 234 12.64 14.68 14.27
C GLY A 234 12.01 14.95 12.91
N ASP A 235 12.44 16.05 12.28
CA ASP A 235 11.98 16.38 10.95
C ASP A 235 12.57 15.39 9.94
N ILE A 236 12.13 14.13 10.02
CA ILE A 236 12.76 13.05 9.29
C ILE A 236 12.40 13.13 7.82
N GLU A 237 13.35 12.71 6.97
CA GLU A 237 13.21 12.81 5.52
C GLU A 237 13.24 11.41 4.91
N PHE A 238 12.39 11.20 3.90
CA PHE A 238 12.35 9.96 3.14
C PHE A 238 12.72 10.27 1.70
N PRO A 239 13.96 9.99 1.28
CA PRO A 239 14.38 10.43 -0.06
C PRO A 239 13.74 9.59 -1.14
N PRO A 240 13.58 10.13 -2.35
CA PRO A 240 13.08 9.32 -3.46
C PRO A 240 14.17 8.38 -3.96
N PRO A 241 13.80 7.29 -4.63
CA PRO A 241 14.81 6.38 -5.15
C PRO A 241 15.72 7.09 -6.14
N PHE A 242 16.96 6.62 -6.24
CA PHE A 242 17.86 7.19 -7.22
C PHE A 242 17.25 7.04 -8.61
N GLY A 243 17.19 8.15 -9.34
CA GLY A 243 16.51 8.20 -10.62
C GLY A 243 15.30 9.12 -10.63
N ARG A 244 14.90 9.66 -9.49
CA ARG A 244 13.76 10.55 -9.42
C ARG A 244 14.10 11.79 -8.60
N GLU A 245 13.44 12.89 -8.94
CA GLU A 245 13.48 14.11 -8.17
C GLU A 245 12.27 14.18 -7.24
N ALA A 246 12.42 14.93 -6.16
CA ALA A 246 11.29 15.29 -5.32
C ALA A 246 10.71 16.60 -5.80
N TYR A 247 9.39 16.65 -5.94
CA TYR A 247 8.74 17.85 -6.42
C TYR A 247 7.91 18.49 -5.31
N PRO A 248 7.73 19.82 -5.34
CA PRO A 248 6.89 20.45 -4.32
C PRO A 248 5.43 20.05 -4.42
N GLU A 249 4.94 19.80 -5.63
CA GLU A 249 3.57 19.32 -5.79
C GLU A 249 3.38 17.99 -5.05
N GLU A 250 4.37 17.11 -5.12
CA GLU A 250 4.30 15.87 -4.34
C GLU A 250 4.26 16.17 -2.85
N ALA A 251 5.07 17.13 -2.38
CA ALA A 251 5.06 17.49 -0.97
C ALA A 251 3.74 18.16 -0.60
N TYR A 252 3.16 18.93 -1.50
CA TYR A 252 1.87 19.55 -1.25
C TYR A 252 0.79 18.50 -1.06
N ILE A 253 0.71 17.53 -1.97
CA ILE A 253 -0.33 16.50 -1.88
C ILE A 253 -0.10 15.61 -0.67
N ALA A 254 1.16 15.23 -0.42
CA ALA A 254 1.43 14.42 0.77
C ALA A 254 1.01 15.15 2.04
N ASP A 255 1.12 16.49 2.04
CA ASP A 255 0.73 17.28 3.21
C ASP A 255 -0.79 17.27 3.39
N LEU A 256 -1.55 17.25 2.30
CA LEU A 256 -3.00 17.15 2.42
C LEU A 256 -3.42 15.79 2.95
N ASP A 257 -2.84 14.72 2.38
CA ASP A 257 -3.15 13.37 2.83
C ASP A 257 -2.95 13.21 4.34
N ALA A 258 -2.01 13.95 4.92
CA ALA A 258 -1.76 13.87 6.35
C ALA A 258 -2.85 14.54 7.18
N LYS A 259 -3.73 15.32 6.56
CA LYS A 259 -4.66 16.18 7.30
C LYS A 259 -6.05 15.58 7.46
N SER A 260 -6.36 14.45 6.83
CA SER A 260 -7.65 13.83 7.01
C SER A 260 -7.54 12.34 6.69
N GLY A 261 -8.56 11.59 7.12
CA GLY A 261 -8.64 10.17 6.78
C GLY A 261 -8.64 9.92 5.29
N ALA A 262 -8.99 10.92 4.48
CA ALA A 262 -8.90 10.78 3.04
C ALA A 262 -7.48 10.38 2.64
N SER A 263 -7.36 9.88 1.41
CA SER A 263 -6.11 9.30 0.91
C SER A 263 -5.74 10.01 -0.38
N LEU A 264 -4.67 10.80 -0.33
CA LEU A 264 -4.25 11.64 -1.47
C LEU A 264 -2.78 11.39 -1.73
N LYS A 265 -2.48 10.52 -2.70
CA LYS A 265 -1.13 10.21 -3.11
C LYS A 265 -0.87 10.78 -4.50
N LEU A 266 0.38 11.14 -4.75
CA LEU A 266 0.79 11.62 -6.06
C LEU A 266 2.30 11.49 -6.20
N THR A 267 2.74 10.86 -7.29
CA THR A 267 4.15 10.73 -7.62
C THR A 267 4.34 11.08 -9.08
N LEU A 268 5.28 11.98 -9.36
CA LEU A 268 5.59 12.40 -10.71
C LEU A 268 6.61 11.48 -11.33
N LEU A 269 6.29 10.93 -12.50
CA LEU A 269 7.20 10.08 -13.26
C LEU A 269 7.86 10.86 -14.39
N ASN A 270 7.07 11.44 -15.29
CA ASN A 270 7.58 12.17 -16.45
C ASN A 270 6.81 13.47 -16.58
N PRO A 271 7.28 14.55 -15.93
CA PRO A 271 6.49 15.80 -15.94
C PRO A 271 6.23 16.36 -17.33
N LYS A 272 6.95 15.90 -18.35
CA LYS A 272 6.66 16.30 -19.73
C LYS A 272 5.83 15.27 -20.48
N GLY A 273 5.42 14.20 -19.81
CA GLY A 273 4.59 13.21 -20.46
C GLY A 273 3.21 13.75 -20.77
N ARG A 274 2.67 13.32 -21.90
CA ARG A 274 1.37 13.80 -22.36
C ARG A 274 0.20 13.00 -21.83
N ILE A 275 0.46 11.99 -21.00
CA ILE A 275 -0.59 11.14 -20.44
C ILE A 275 -0.63 11.40 -18.93
N TRP A 276 -1.73 12.01 -18.48
CA TRP A 276 -1.96 12.26 -17.06
C TRP A 276 -3.19 11.47 -16.61
N THR A 277 -3.14 11.02 -15.36
CA THR A 277 -4.26 10.30 -14.76
C THR A 277 -4.67 10.99 -13.46
N MET A 278 -5.97 10.92 -13.17
CA MET A 278 -6.52 11.33 -11.88
C MET A 278 -7.59 10.30 -11.53
N VAL A 279 -7.14 9.10 -11.23
CA VAL A 279 -8.02 7.97 -10.96
C VAL A 279 -8.28 7.90 -9.47
N ALA A 280 -9.49 7.47 -9.10
CA ALA A 280 -9.83 7.23 -7.71
C ALA A 280 -9.48 5.80 -7.33
N GLY A 281 -9.01 5.64 -6.10
CA GLY A 281 -8.75 4.31 -5.57
C GLY A 281 -7.30 3.89 -5.65
N GLY A 282 -6.82 3.24 -4.58
CA GLY A 282 -5.44 2.76 -4.58
C GLY A 282 -5.21 1.67 -5.60
N GLY A 283 -6.20 0.80 -5.80
CA GLY A 283 -6.07 -0.31 -6.73
C GLY A 283 -6.40 0.07 -8.16
N ALA A 284 -7.47 0.83 -8.35
CA ALA A 284 -7.86 1.24 -9.70
C ALA A 284 -6.77 2.08 -10.35
N SER A 285 -6.17 3.01 -9.60
CA SER A 285 -5.09 3.82 -10.14
C SER A 285 -3.95 2.94 -10.66
N VAL A 286 -3.70 1.80 -10.00
CA VAL A 286 -2.68 0.88 -10.49
C VAL A 286 -3.14 0.21 -11.78
N VAL A 287 -4.41 -0.20 -11.84
CA VAL A 287 -4.91 -0.90 -13.02
C VAL A 287 -4.81 0.00 -14.24
N TYR A 288 -5.28 1.25 -14.12
CA TYR A 288 -5.16 2.19 -15.23
C TYR A 288 -3.71 2.36 -15.65
N SER A 289 -2.80 2.39 -14.67
CA SER A 289 -1.37 2.47 -15.00
C SER A 289 -0.91 1.21 -15.73
N ASP A 290 -1.31 0.04 -15.22
CA ASP A 290 -1.03 -1.21 -15.93
C ASP A 290 -1.55 -1.15 -17.37
N THR A 291 -2.78 -0.65 -17.54
CA THR A 291 -3.39 -0.62 -18.86
C THR A 291 -2.63 0.31 -19.80
N ILE A 292 -2.31 1.51 -19.34
CA ILE A 292 -1.63 2.48 -20.19
C ILE A 292 -0.29 1.92 -20.65
N CYS A 293 0.46 1.29 -19.75
CA CYS A 293 1.75 0.72 -20.12
C CYS A 293 1.59 -0.50 -21.00
N ASP A 294 0.57 -1.32 -20.76
CA ASP A 294 0.30 -2.46 -21.61
C ASP A 294 0.01 -2.05 -23.05
N LEU A 295 -0.40 -0.80 -23.27
CA LEU A 295 -0.69 -0.29 -24.60
C LEU A 295 0.39 0.69 -25.08
N GLY A 296 1.63 0.49 -24.63
CA GLY A 296 2.77 1.20 -25.18
C GLY A 296 2.95 2.63 -24.70
N GLY A 297 2.23 3.05 -23.66
CA GLY A 297 2.29 4.45 -23.23
C GLY A 297 3.18 4.70 -22.03
N VAL A 298 4.10 3.78 -21.75
CA VAL A 298 4.91 3.90 -20.54
C VAL A 298 5.83 5.12 -20.60
N ASN A 299 6.21 5.55 -21.79
CA ASN A 299 7.15 6.66 -21.93
C ASN A 299 6.47 8.02 -21.98
N GLU A 300 5.14 8.06 -21.95
CA GLU A 300 4.40 9.32 -21.85
C GLU A 300 3.56 9.44 -20.60
N LEU A 301 3.44 8.39 -19.79
CA LEU A 301 2.69 8.51 -18.55
C LEU A 301 3.42 9.47 -17.62
N ALA A 302 2.71 10.50 -17.16
CA ALA A 302 3.35 11.57 -16.39
C ALA A 302 3.36 11.30 -14.90
N ASN A 303 2.33 10.65 -14.36
CA ASN A 303 2.18 10.55 -12.91
C ASN A 303 1.59 9.20 -12.53
N TYR A 304 1.79 8.85 -11.26
CA TYR A 304 0.96 7.87 -10.57
C TYR A 304 0.36 8.56 -9.35
N GLY A 305 -0.93 8.39 -9.15
CA GLY A 305 -1.59 8.97 -8.01
C GLY A 305 -3.02 8.50 -7.90
N GLU A 306 -3.58 8.66 -6.70
CA GLU A 306 -4.97 8.31 -6.45
C GLU A 306 -5.52 9.22 -5.37
N TYR A 307 -6.82 9.49 -5.46
CA TYR A 307 -7.59 10.14 -4.41
C TYR A 307 -8.73 9.22 -4.03
N SER A 308 -8.95 9.02 -2.74
CA SER A 308 -9.98 8.09 -2.29
C SER A 308 -10.28 8.37 -0.83
N GLY A 309 -11.12 7.53 -0.23
CA GLY A 309 -11.53 7.72 1.15
C GLY A 309 -12.48 8.87 1.34
N ALA A 310 -13.33 9.15 0.34
CA ALA A 310 -14.31 10.20 0.41
C ALA A 310 -13.68 11.54 0.79
N PRO A 311 -12.85 12.11 -0.08
CA PRO A 311 -12.37 13.47 0.17
C PRO A 311 -13.48 14.49 -0.06
N SER A 312 -13.32 15.64 0.56
CA SER A 312 -14.31 16.71 0.42
C SER A 312 -14.25 17.29 -1.00
N GLU A 313 -15.16 18.22 -1.28
CA GLU A 313 -15.13 18.90 -2.57
C GLU A 313 -13.92 19.83 -2.68
N GLN A 314 -13.60 20.53 -1.60
CA GLN A 314 -12.41 21.38 -1.60
C GLN A 314 -11.15 20.54 -1.70
N GLN A 315 -11.05 19.49 -0.89
CA GLN A 315 -9.90 18.59 -0.97
C GLN A 315 -9.68 18.10 -2.39
N THR A 316 -10.76 17.75 -3.09
CA THR A 316 -10.63 17.24 -4.45
C THR A 316 -10.22 18.34 -5.42
N TYR A 317 -10.71 19.56 -5.21
CA TYR A 317 -10.27 20.68 -6.03
C TYR A 317 -8.78 20.95 -5.84
N ASP A 318 -8.30 20.89 -4.59
CA ASP A 318 -6.88 21.10 -4.33
C ASP A 318 -6.04 20.00 -4.97
N TYR A 319 -6.51 18.76 -4.91
CA TYR A 319 -5.79 17.68 -5.60
C TYR A 319 -5.79 17.90 -7.10
N ALA A 320 -6.97 18.18 -7.67
CA ALA A 320 -7.07 18.30 -9.12
C ALA A 320 -6.31 19.50 -9.64
N LYS A 321 -6.39 20.65 -8.95
CA LYS A 321 -5.71 21.84 -9.44
C LYS A 321 -4.20 21.62 -9.50
N THR A 322 -3.67 20.73 -8.67
CA THR A 322 -2.25 20.39 -8.74
C THR A 322 -1.93 19.67 -10.04
N ILE A 323 -2.74 18.67 -10.40
CA ILE A 323 -2.48 17.90 -11.61
C ILE A 323 -2.60 18.78 -12.85
N LEU A 324 -3.56 19.71 -12.84
CA LEU A 324 -3.79 20.53 -14.02
C LEU A 324 -2.67 21.54 -14.22
N SER A 325 -2.13 22.09 -13.14
CA SER A 325 -0.97 22.97 -13.27
C SER A 325 0.21 22.22 -13.87
N LEU A 326 0.47 21.01 -13.38
CA LEU A 326 1.64 20.26 -13.82
C LEU A 326 1.58 19.96 -15.32
N MET A 327 0.40 19.73 -15.86
CA MET A 327 0.26 19.40 -17.28
C MET A 327 0.08 20.64 -18.15
N THR A 328 0.21 21.84 -17.58
CA THR A 328 0.14 23.08 -18.35
C THR A 328 1.42 23.89 -18.17
N ARG A 329 2.57 23.23 -18.32
CA ARG A 329 3.86 23.88 -18.16
C ARG A 329 4.69 23.88 -19.43
N GLU A 330 4.25 23.19 -20.48
CA GLU A 330 4.92 23.19 -21.77
C GLU A 330 4.03 22.45 -22.78
N LYS A 331 3.71 23.10 -23.89
CA LYS A 331 2.87 22.46 -24.89
C LYS A 331 3.55 21.20 -25.42
N HIS A 332 2.73 20.23 -25.79
CA HIS A 332 3.22 19.04 -26.45
C HIS A 332 2.83 19.07 -27.92
N PRO A 333 3.72 18.63 -28.83
CA PRO A 333 3.34 18.60 -30.26
C PRO A 333 1.98 17.98 -30.51
N ASP A 334 1.72 16.79 -29.96
CA ASP A 334 0.48 16.06 -30.15
C ASP A 334 -0.57 16.36 -29.09
N GLY A 335 -0.39 17.43 -28.31
CA GLY A 335 -1.32 17.71 -27.23
C GLY A 335 -1.10 16.80 -26.05
N LYS A 336 -2.12 16.72 -25.19
CA LYS A 336 -2.04 15.92 -23.98
C LYS A 336 -3.38 15.25 -23.72
N ILE A 337 -3.41 14.39 -22.70
CA ILE A 337 -4.55 13.55 -22.38
C ILE A 337 -4.67 13.43 -20.88
N LEU A 338 -5.90 13.43 -20.38
CA LEU A 338 -6.18 13.34 -18.94
C LEU A 338 -7.21 12.25 -18.70
N ILE A 339 -6.83 11.24 -17.93
CA ILE A 339 -7.69 10.10 -17.64
C ILE A 339 -8.24 10.29 -16.23
N ILE A 340 -9.53 10.62 -16.14
CA ILE A 340 -10.22 10.74 -14.86
C ILE A 340 -11.07 9.49 -14.73
N GLY A 341 -10.52 8.47 -14.08
CA GLY A 341 -11.18 7.17 -14.02
C GLY A 341 -11.35 6.62 -12.62
N GLY A 342 -11.79 5.38 -12.53
CA GLY A 342 -11.98 4.72 -11.26
C GLY A 342 -13.04 3.64 -11.37
N SER A 343 -13.14 2.86 -10.30
CA SER A 343 -14.15 1.82 -10.20
C SER A 343 -15.49 2.43 -9.84
N ILE A 344 -16.50 1.57 -9.69
CA ILE A 344 -17.73 1.99 -9.02
C ILE A 344 -17.40 2.12 -7.54
N ALA A 345 -17.40 3.35 -7.03
CA ALA A 345 -17.00 3.58 -5.65
C ALA A 345 -18.06 3.04 -4.69
N ASN A 346 -17.61 2.67 -3.49
CA ASN A 346 -18.52 2.19 -2.46
C ASN A 346 -19.19 3.36 -1.73
N PHE A 347 -18.41 4.30 -1.22
CA PHE A 347 -18.96 5.39 -0.42
C PHE A 347 -18.51 6.77 -0.82
N THR A 348 -17.49 6.93 -1.65
CA THR A 348 -17.05 8.25 -2.06
C THR A 348 -18.15 8.94 -2.87
N ASN A 349 -18.51 10.15 -2.46
CA ASN A 349 -19.53 10.93 -3.17
C ASN A 349 -18.95 11.35 -4.52
N VAL A 350 -19.38 10.69 -5.59
CA VAL A 350 -18.88 11.03 -6.92
C VAL A 350 -19.36 12.41 -7.33
N ALA A 351 -20.52 12.85 -6.83
CA ALA A 351 -21.02 14.17 -7.17
C ALA A 351 -20.15 15.26 -6.54
N ALA A 352 -19.83 15.11 -5.25
CA ALA A 352 -19.05 16.13 -4.56
C ALA A 352 -17.62 16.19 -5.09
N THR A 353 -17.02 15.02 -5.40
CA THR A 353 -15.64 15.01 -5.86
C THR A 353 -15.53 15.54 -7.29
N PHE A 354 -16.43 15.13 -8.17
CA PHE A 354 -16.39 15.63 -9.54
C PHE A 354 -16.76 17.11 -9.62
N LYS A 355 -17.61 17.58 -8.70
CA LYS A 355 -17.85 19.01 -8.59
C LYS A 355 -16.55 19.76 -8.30
N GLY A 356 -15.72 19.20 -7.41
CA GLY A 356 -14.43 19.81 -7.13
C GLY A 356 -13.50 19.78 -8.31
N ILE A 357 -13.45 18.64 -9.02
CA ILE A 357 -12.61 18.56 -10.21
C ILE A 357 -13.10 19.55 -11.27
N VAL A 358 -14.42 19.58 -11.50
CA VAL A 358 -14.98 20.49 -12.49
C VAL A 358 -14.65 21.94 -12.15
N ARG A 359 -14.63 22.26 -10.84
CA ARG A 359 -14.22 23.60 -10.44
C ARG A 359 -12.77 23.88 -10.79
N ALA A 360 -11.93 22.83 -10.82
CA ALA A 360 -10.54 22.99 -11.22
C ALA A 360 -10.42 23.15 -12.74
N ILE A 361 -11.19 22.38 -13.50
CA ILE A 361 -11.12 22.47 -14.95
C ILE A 361 -11.61 23.84 -15.42
N ARG A 362 -12.48 24.48 -14.65
CA ARG A 362 -12.94 25.83 -15.00
C ARG A 362 -11.81 26.84 -14.82
N ASP A 363 -11.20 26.88 -13.64
CA ASP A 363 -10.17 27.86 -13.36
C ASP A 363 -8.93 27.67 -14.24
N TYR A 364 -8.70 26.47 -14.77
CA TYR A 364 -7.56 26.17 -15.61
C TYR A 364 -7.95 25.97 -17.07
N GLN A 365 -9.15 26.39 -17.46
CA GLN A 365 -9.65 26.04 -18.79
C GLN A 365 -8.78 26.64 -19.89
N GLY A 366 -8.32 27.87 -19.70
CA GLY A 366 -7.48 28.52 -20.68
C GLY A 366 -6.25 27.70 -21.01
N PRO A 367 -5.39 27.48 -20.02
CA PRO A 367 -4.19 26.65 -20.26
C PRO A 367 -4.51 25.28 -20.85
N LEU A 368 -5.54 24.60 -20.33
CA LEU A 368 -5.85 23.26 -20.80
C LEU A 368 -6.15 23.24 -22.29
N LYS A 369 -6.65 24.35 -22.84
CA LYS A 369 -6.86 24.43 -24.28
C LYS A 369 -5.57 24.78 -25.02
N GLU A 370 -4.70 25.59 -24.42
CA GLU A 370 -3.39 25.86 -25.01
C GLU A 370 -2.61 24.57 -25.19
N HIS A 371 -2.56 23.75 -24.15
CA HIS A 371 -1.84 22.48 -24.19
C HIS A 371 -2.66 21.38 -24.84
N GLU A 372 -3.83 21.71 -25.39
CA GLU A 372 -4.59 20.77 -26.23
C GLU A 372 -4.92 19.49 -25.45
N VAL A 373 -5.41 19.67 -24.24
CA VAL A 373 -5.73 18.55 -23.36
C VAL A 373 -7.10 18.00 -23.73
N THR A 374 -7.19 16.68 -23.87
CA THR A 374 -8.45 15.98 -24.03
C THR A 374 -8.69 15.13 -22.77
N ILE A 375 -9.92 15.17 -22.27
CA ILE A 375 -10.27 14.55 -21.00
C ILE A 375 -11.19 13.36 -21.25
N PHE A 376 -10.92 12.26 -20.55
CA PHE A 376 -11.74 11.06 -20.61
C PHE A 376 -12.18 10.69 -19.19
N VAL A 377 -13.44 10.28 -19.05
CA VAL A 377 -14.06 10.11 -17.74
C VAL A 377 -14.80 8.78 -17.72
N ARG A 378 -14.54 7.99 -16.67
CA ARG A 378 -15.34 6.81 -16.36
C ARG A 378 -15.38 6.67 -14.84
N ARG A 379 -16.58 6.58 -14.28
CA ARG A 379 -16.70 6.59 -12.83
C ARG A 379 -18.08 6.09 -12.44
N GLY A 380 -18.14 5.28 -11.38
CA GLY A 380 -19.39 4.91 -10.75
C GLY A 380 -19.31 5.16 -9.26
N GLY A 381 -20.46 5.07 -8.61
CA GLY A 381 -20.54 5.22 -7.18
C GLY A 381 -21.63 6.16 -6.74
N PRO A 382 -21.65 6.48 -5.45
CA PRO A 382 -22.72 7.33 -4.91
C PRO A 382 -22.89 8.65 -5.66
N ASN A 383 -24.05 8.80 -6.30
CA ASN A 383 -24.40 10.02 -7.02
C ASN A 383 -23.54 10.20 -8.27
N TYR A 384 -23.19 9.10 -8.93
CA TYR A 384 -22.29 9.19 -10.08
C TYR A 384 -22.95 9.85 -11.27
N GLN A 385 -24.28 9.72 -11.41
CA GLN A 385 -24.96 10.32 -12.55
C GLN A 385 -24.83 11.85 -12.52
N GLU A 386 -25.04 12.45 -11.36
CA GLU A 386 -24.87 13.90 -11.25
C GLU A 386 -23.42 14.29 -11.48
N GLY A 387 -22.48 13.45 -11.03
CA GLY A 387 -21.08 13.72 -11.32
C GLY A 387 -20.78 13.70 -12.80
N LEU A 388 -21.32 12.71 -13.52
CA LEU A 388 -21.10 12.63 -14.96
C LEU A 388 -21.65 13.86 -15.67
N ARG A 389 -22.76 14.42 -15.19
CA ARG A 389 -23.39 15.53 -15.88
C ARG A 389 -22.48 16.75 -15.90
N VAL A 390 -21.97 17.14 -14.73
CA VAL A 390 -21.16 18.36 -14.65
C VAL A 390 -19.86 18.21 -15.41
N MET A 391 -19.37 16.99 -15.57
CA MET A 391 -18.20 16.77 -16.42
C MET A 391 -18.53 17.10 -17.87
N GLY A 392 -19.61 16.50 -18.40
CA GLY A 392 -20.03 16.84 -19.75
C GLY A 392 -20.42 18.29 -19.91
N GLU A 393 -20.90 18.91 -18.84
CA GLU A 393 -21.36 20.30 -18.93
C GLU A 393 -20.21 21.29 -18.88
N VAL A 394 -19.15 20.98 -18.12
CA VAL A 394 -17.99 21.87 -18.14
C VAL A 394 -17.21 21.69 -19.45
N GLY A 395 -17.20 20.47 -20.00
CA GLY A 395 -16.59 20.25 -21.29
C GLY A 395 -17.24 21.04 -22.41
N LYS A 396 -18.44 21.55 -22.19
CA LYS A 396 -19.14 22.37 -23.17
C LYS A 396 -19.08 23.86 -22.85
N THR A 397 -19.13 24.23 -21.57
CA THR A 397 -18.96 25.63 -21.17
C THR A 397 -17.50 26.06 -21.14
N THR A 398 -16.60 25.32 -21.78
CA THR A 398 -15.20 25.72 -21.89
C THR A 398 -14.69 25.52 -23.31
N GLY A 399 -15.25 24.57 -24.03
CA GLY A 399 -14.69 24.13 -25.29
C GLY A 399 -13.72 22.98 -25.19
N ILE A 400 -13.31 22.63 -23.97
CA ILE A 400 -12.39 21.50 -23.79
C ILE A 400 -13.12 20.21 -24.16
N PRO A 401 -12.51 19.32 -24.95
CA PRO A 401 -13.23 18.09 -25.34
C PRO A 401 -13.21 17.08 -24.21
N ILE A 402 -14.39 16.75 -23.69
CA ILE A 402 -14.54 15.76 -22.63
C ILE A 402 -15.47 14.66 -23.12
N HIS A 403 -15.14 13.42 -22.77
CA HIS A 403 -15.97 12.26 -23.06
C HIS A 403 -16.28 11.56 -21.74
N VAL A 404 -17.56 11.46 -21.41
CA VAL A 404 -18.00 11.06 -20.08
C VAL A 404 -18.70 9.71 -20.19
N PHE A 405 -18.21 8.73 -19.43
CA PHE A 405 -18.77 7.38 -19.42
C PHE A 405 -19.09 6.97 -17.99
N GLY A 406 -19.93 5.93 -17.86
CA GLY A 406 -20.38 5.46 -16.58
C GLY A 406 -20.20 3.96 -16.43
N THR A 407 -21.10 3.36 -15.64
CA THR A 407 -21.00 1.94 -15.34
C THR A 407 -21.18 1.06 -16.57
N GLU A 408 -21.81 1.58 -17.63
CA GLU A 408 -22.02 0.82 -18.84
C GLU A 408 -20.80 0.90 -19.75
N THR A 409 -19.63 1.08 -19.16
CA THR A 409 -18.36 1.09 -19.89
C THR A 409 -17.33 0.38 -19.04
N HIS A 410 -16.50 -0.46 -19.68
CA HIS A 410 -15.46 -1.15 -18.95
C HIS A 410 -14.48 -0.13 -18.38
N MET A 411 -13.98 -0.43 -17.17
CA MET A 411 -13.28 0.60 -16.39
C MET A 411 -12.13 1.22 -17.17
N THR A 412 -11.33 0.40 -17.85
CA THR A 412 -10.14 0.88 -18.54
C THR A 412 -10.37 1.10 -20.02
N ALA A 413 -11.60 0.95 -20.52
CA ALA A 413 -11.86 1.14 -21.94
C ALA A 413 -11.50 2.54 -22.39
N ILE A 414 -11.68 3.55 -21.52
CA ILE A 414 -11.40 4.92 -21.92
C ILE A 414 -9.92 5.14 -22.18
N VAL A 415 -9.05 4.27 -21.68
CA VAL A 415 -7.62 4.38 -21.98
C VAL A 415 -7.36 4.05 -23.44
N GLY A 416 -7.89 2.91 -23.91
CA GLY A 416 -7.78 2.58 -25.32
C GLY A 416 -8.36 3.67 -26.20
N MET A 417 -9.50 4.23 -25.80
CA MET A 417 -10.05 5.38 -26.50
C MET A 417 -9.05 6.52 -26.54
N ALA A 418 -8.44 6.83 -25.40
CA ALA A 418 -7.53 7.96 -25.31
C ALA A 418 -6.26 7.76 -26.14
N LEU A 419 -5.88 6.51 -26.40
CA LEU A 419 -4.66 6.22 -27.15
C LEU A 419 -4.92 5.79 -28.59
N GLY A 420 -6.18 5.76 -29.02
CA GLY A 420 -6.48 5.41 -30.40
C GLY A 420 -6.40 3.94 -30.72
N HIS A 421 -6.46 3.07 -29.71
CA HIS A 421 -6.54 1.64 -29.95
C HIS A 421 -7.98 1.16 -30.11
N ARG A 422 -8.96 1.98 -29.75
CA ARG A 422 -10.37 1.67 -29.96
C ARG A 422 -11.12 2.99 -30.08
N PRO A 423 -12.22 3.02 -30.83
CA PRO A 423 -12.91 4.30 -31.08
C PRO A 423 -13.68 4.78 -29.85
N ILE A 424 -14.18 6.01 -29.96
CA ILE A 424 -14.98 6.62 -28.90
C ILE A 424 -16.45 6.32 -29.18
N PRO A 425 -17.14 5.57 -28.32
CA PRO A 425 -18.55 5.27 -28.58
C PRO A 425 -19.50 6.27 -27.95
N GLU A 426 -20.03 7.19 -28.77
CA GLU A 426 -20.97 8.19 -28.27
C GLU A 426 -22.32 7.59 -27.86
N ASN A 427 -22.52 6.29 -28.04
CA ASN A 427 -23.73 5.60 -27.60
C ASN A 427 -23.67 5.18 -26.13
N LEU A 428 -22.63 5.59 -25.39
CA LEU A 428 -22.47 5.25 -23.99
C LEU A 428 -22.35 6.48 -23.10
N TYR A 429 -22.53 7.68 -23.65
CA TYR A 429 -22.34 8.89 -22.86
C TYR A 429 -23.32 8.96 -21.70
N PHE A 430 -22.78 9.29 -20.53
CA PHE A 430 -23.53 9.47 -19.28
C PHE A 430 -24.19 8.18 -18.78
N GLN A 431 -23.92 7.05 -19.42
CA GLN A 431 -24.48 5.78 -18.97
C GLN A 431 -23.54 5.07 -18.01
N SER B 1 -7.57 -21.40 6.99
CA SER B 1 -6.78 -21.37 8.21
C SER B 1 -7.62 -21.51 9.47
N LYS B 2 -8.63 -20.68 9.60
CA LYS B 2 -9.52 -20.68 10.76
C LYS B 2 -10.92 -21.12 10.29
N SER B 3 -11.98 -20.39 10.60
CA SER B 3 -13.33 -20.81 10.25
C SER B 3 -13.53 -20.74 8.73
N THR B 4 -14.57 -21.44 8.27
CA THR B 4 -14.97 -21.45 6.87
C THR B 4 -16.11 -20.47 6.59
N THR B 5 -17.15 -20.49 7.42
CA THR B 5 -18.27 -19.57 7.28
C THR B 5 -18.11 -18.46 8.32
N LEU B 6 -18.05 -17.21 7.85
CA LEU B 6 -17.96 -16.05 8.72
C LEU B 6 -19.30 -15.36 8.91
N PHE B 7 -20.12 -15.31 7.87
CA PHE B 7 -21.35 -14.52 7.88
C PHE B 7 -22.52 -15.33 7.37
N SER B 8 -23.71 -14.98 7.84
CA SER B 8 -24.95 -15.61 7.39
C SER B 8 -26.05 -14.55 7.42
N ARG B 9 -27.24 -14.91 6.95
CA ARG B 9 -28.34 -13.97 6.99
C ARG B 9 -28.82 -13.69 8.41
N HIS B 10 -28.24 -14.36 9.41
CA HIS B 10 -28.55 -14.11 10.82
C HIS B 10 -27.41 -13.45 11.56
N THR B 11 -26.29 -13.16 10.89
CA THR B 11 -25.16 -12.49 11.53
C THR B 11 -25.60 -11.17 12.14
N LYS B 12 -25.26 -10.97 13.40
CA LYS B 12 -25.49 -9.71 14.11
C LYS B 12 -24.14 -9.13 14.53
N ALA B 13 -23.95 -7.83 14.30
CA ALA B 13 -22.65 -7.21 14.47
C ALA B 13 -22.74 -5.97 15.35
N ILE B 14 -21.60 -5.63 15.97
CA ILE B 14 -21.43 -4.40 16.72
C ILE B 14 -20.54 -3.48 15.89
N VAL B 15 -20.88 -2.19 15.87
CA VAL B 15 -20.14 -1.19 15.11
C VAL B 15 -19.44 -0.26 16.10
N TRP B 16 -18.11 -0.26 16.09
CA TRP B 16 -17.31 0.65 16.89
C TRP B 16 -17.09 1.93 16.07
N GLY B 17 -17.74 3.02 16.47
CA GLY B 17 -17.60 4.27 15.77
C GLY B 17 -18.91 4.93 15.44
N MET B 18 -18.89 6.24 15.22
CA MET B 18 -20.10 7.01 14.92
C MET B 18 -20.24 7.16 13.41
N GLN B 19 -20.52 6.03 12.77
CA GLN B 19 -20.65 5.95 11.31
C GLN B 19 -22.11 5.65 10.95
N THR B 20 -22.96 6.66 11.16
CA THR B 20 -24.39 6.48 10.93
C THR B 20 -24.67 6.09 9.48
N ARG B 21 -24.01 6.74 8.52
CA ARG B 21 -24.30 6.48 7.12
C ARG B 21 -23.99 5.03 6.74
N ALA B 22 -22.86 4.51 7.21
CA ALA B 22 -22.49 3.14 6.87
C ALA B 22 -23.46 2.14 7.47
N VAL B 23 -23.94 2.40 8.69
CA VAL B 23 -24.90 1.50 9.32
C VAL B 23 -26.20 1.49 8.54
N GLN B 24 -26.64 2.67 8.08
CA GLN B 24 -27.88 2.74 7.32
C GLN B 24 -27.75 2.02 5.98
N GLY B 25 -26.58 2.15 5.34
CA GLY B 25 -26.34 1.41 4.11
C GLY B 25 -26.42 -0.09 4.32
N MET B 26 -25.90 -0.57 5.46
CA MET B 26 -26.04 -1.98 5.80
C MET B 26 -27.50 -2.36 5.97
N LEU B 27 -28.27 -1.53 6.65
CA LEU B 27 -29.68 -1.83 6.89
C LEU B 27 -30.47 -1.87 5.59
N ASP B 28 -30.26 -0.90 4.70
CA ASP B 28 -30.89 -0.94 3.40
C ASP B 28 -30.58 -2.25 2.68
N PHE B 29 -29.34 -2.72 2.80
CA PHE B 29 -28.96 -3.99 2.20
C PHE B 29 -29.69 -5.15 2.86
N ASP B 30 -29.79 -5.14 4.19
CA ASP B 30 -30.52 -6.19 4.89
C ASP B 30 -31.98 -6.25 4.43
N TYR B 31 -32.58 -5.09 4.15
CA TYR B 31 -34.00 -5.04 3.83
C TYR B 31 -34.29 -5.71 2.49
N VAL B 32 -33.66 -5.22 1.41
CA VAL B 32 -33.87 -5.81 0.09
C VAL B 32 -33.30 -7.22 -0.01
N CYS B 33 -32.50 -7.65 0.95
CA CYS B 33 -32.15 -9.05 1.09
C CYS B 33 -33.21 -9.84 1.84
N SER B 34 -34.26 -9.17 2.30
CA SER B 34 -35.35 -9.81 3.03
C SER B 34 -34.87 -10.45 4.32
N ARG B 35 -33.86 -9.86 4.94
CA ARG B 35 -33.44 -10.31 6.25
C ARG B 35 -34.55 -10.07 7.28
N ASP B 36 -34.60 -10.95 8.27
CA ASP B 36 -35.62 -10.81 9.32
C ASP B 36 -35.35 -9.61 10.22
N GLU B 37 -34.09 -9.25 10.41
CA GLU B 37 -33.72 -8.24 11.39
C GLU B 37 -32.47 -7.52 10.93
N PRO B 38 -32.21 -6.31 11.46
CA PRO B 38 -30.98 -5.61 11.10
C PRO B 38 -29.74 -6.39 11.50
N SER B 39 -28.66 -6.17 10.75
CA SER B 39 -27.39 -6.82 11.02
C SER B 39 -26.58 -6.10 12.10
N VAL B 40 -26.95 -4.87 12.45
CA VAL B 40 -26.22 -4.07 13.43
C VAL B 40 -27.03 -4.10 14.72
N ALA B 41 -26.57 -4.91 15.69
CA ALA B 41 -27.28 -5.00 16.96
C ALA B 41 -27.07 -3.76 17.82
N ALA B 42 -25.86 -3.22 17.83
CA ALA B 42 -25.55 -2.07 18.67
C ALA B 42 -24.28 -1.40 18.17
N MET B 43 -24.17 -0.11 18.47
CA MET B 43 -22.98 0.67 18.17
C MET B 43 -22.23 0.97 19.47
N VAL B 44 -20.93 1.20 19.35
CA VAL B 44 -20.08 1.58 20.48
C VAL B 44 -19.43 2.92 20.15
N TYR B 45 -19.43 3.82 21.13
CA TYR B 45 -18.85 5.15 20.95
C TYR B 45 -18.43 5.65 22.33
N PRO B 46 -17.15 5.54 22.70
CA PRO B 46 -16.75 5.87 24.07
C PRO B 46 -16.81 7.36 24.39
N PHE B 47 -17.10 8.21 23.42
CA PHE B 47 -17.12 9.65 23.67
C PHE B 47 -18.39 10.09 24.39
N THR B 48 -19.53 9.53 24.02
CA THR B 48 -20.81 9.89 24.61
C THR B 48 -21.35 8.75 25.47
N GLY B 49 -22.29 9.08 26.35
CA GLY B 49 -22.92 8.10 27.19
C GLY B 49 -23.93 7.25 26.43
N ASP B 50 -24.32 6.15 27.07
CA ASP B 50 -25.27 5.22 26.47
C ASP B 50 -26.49 5.96 25.95
N HIS B 51 -26.85 5.69 24.69
CA HIS B 51 -28.04 6.27 24.09
C HIS B 51 -28.53 5.35 22.98
N LYS B 52 -29.47 5.84 22.18
CA LYS B 52 -30.02 5.10 21.06
C LYS B 52 -30.16 6.06 19.87
N GLN B 53 -30.09 5.50 18.67
CA GLN B 53 -30.00 6.28 17.44
C GLN B 53 -31.17 5.96 16.53
N LYS B 54 -31.67 7.01 15.87
CA LYS B 54 -32.72 6.85 14.87
C LYS B 54 -32.14 6.29 13.58
N PHE B 55 -32.71 5.18 13.12
CA PHE B 55 -32.37 4.60 11.83
C PHE B 55 -33.66 4.17 11.15
N TYR B 56 -33.56 3.84 9.86
CA TYR B 56 -34.72 3.53 9.04
C TYR B 56 -34.64 2.09 8.56
N TRP B 57 -35.58 1.27 9.00
CA TRP B 57 -35.75 -0.10 8.51
C TRP B 57 -36.85 -0.06 7.46
N GLY B 58 -36.44 -0.07 6.19
CA GLY B 58 -37.39 0.27 5.14
C GLY B 58 -37.80 1.71 5.30
N HIS B 59 -39.12 1.94 5.35
CA HIS B 59 -39.67 3.25 5.66
C HIS B 59 -39.94 3.44 7.14
N LYS B 60 -39.94 2.36 7.93
CA LYS B 60 -40.24 2.44 9.34
C LYS B 60 -39.00 2.84 10.12
N GLU B 61 -39.16 3.81 11.00
CA GLU B 61 -38.06 4.28 11.84
C GLU B 61 -37.86 3.34 13.01
N ILE B 62 -36.62 2.92 13.24
CA ILE B 62 -36.27 2.03 14.34
C ILE B 62 -35.12 2.66 15.14
N LEU B 63 -34.68 1.95 16.17
CA LEU B 63 -33.63 2.43 17.05
C LEU B 63 -32.60 1.33 17.28
N ILE B 64 -31.34 1.72 17.32
CA ILE B 64 -30.23 0.81 17.63
C ILE B 64 -29.51 1.38 18.85
N PRO B 65 -29.18 0.57 19.85
CA PRO B 65 -28.51 1.11 21.03
C PRO B 65 -27.06 1.48 20.74
N VAL B 66 -26.61 2.55 21.39
CA VAL B 66 -25.24 3.05 21.26
C VAL B 66 -24.63 3.08 22.67
N PHE B 67 -23.61 2.26 22.90
CA PHE B 67 -23.01 2.12 24.21
C PHE B 67 -21.66 2.84 24.27
N LYS B 68 -21.36 3.40 25.44
CA LYS B 68 -20.06 4.01 25.69
C LYS B 68 -18.99 2.96 25.96
N ASN B 69 -19.33 1.95 26.74
CA ASN B 69 -18.39 0.90 27.12
C ASN B 69 -18.68 -0.36 26.33
N MET B 70 -17.64 -0.88 25.67
CA MET B 70 -17.77 -2.13 24.93
C MET B 70 -18.27 -3.27 25.82
N ALA B 71 -17.95 -3.22 27.11
CA ALA B 71 -18.41 -4.26 28.02
C ALA B 71 -19.91 -4.31 28.12
N ASP B 72 -20.59 -3.15 27.99
CA ASP B 72 -22.04 -3.12 28.08
C ASP B 72 -22.70 -3.61 26.80
N ALA B 73 -22.10 -3.35 25.64
CA ALA B 73 -22.66 -3.82 24.39
C ALA B 73 -22.59 -5.34 24.28
N MET B 74 -21.40 -5.90 24.53
CA MET B 74 -21.24 -7.34 24.45
C MET B 74 -22.16 -8.07 25.41
N ARG B 75 -22.40 -7.46 26.58
CA ARG B 75 -23.23 -8.13 27.60
C ARG B 75 -24.70 -8.12 27.20
N LYS B 76 -25.20 -6.97 26.75
CA LYS B 76 -26.62 -6.85 26.41
C LYS B 76 -26.96 -7.45 25.05
N HIS B 77 -25.97 -7.76 24.22
CA HIS B 77 -26.20 -8.35 22.91
C HIS B 77 -25.25 -9.54 22.73
N PRO B 78 -25.50 -10.64 23.45
CA PRO B 78 -24.65 -11.83 23.30
C PRO B 78 -24.83 -12.55 21.96
N GLU B 79 -25.80 -12.13 21.14
CA GLU B 79 -25.98 -12.74 19.83
C GLU B 79 -24.91 -12.30 18.82
N VAL B 80 -24.06 -11.34 19.19
CA VAL B 80 -23.11 -10.75 18.26
C VAL B 80 -21.85 -11.59 18.23
N ASP B 81 -21.38 -11.90 17.03
CA ASP B 81 -20.08 -12.54 16.83
C ASP B 81 -19.19 -11.79 15.86
N VAL B 82 -19.64 -10.64 15.34
CA VAL B 82 -18.89 -9.86 14.38
C VAL B 82 -18.80 -8.43 14.87
N LEU B 83 -17.62 -7.83 14.74
CA LEU B 83 -17.41 -6.42 15.09
C LEU B 83 -16.74 -5.72 13.93
N ILE B 84 -17.34 -4.61 13.48
CA ILE B 84 -16.79 -3.77 12.42
C ILE B 84 -16.21 -2.54 13.10
N ASN B 85 -14.88 -2.39 13.01
CA ASN B 85 -14.16 -1.36 13.76
C ASN B 85 -13.87 -0.18 12.83
N PHE B 86 -14.51 0.96 13.10
CA PHE B 86 -14.28 2.19 12.37
C PHE B 86 -13.37 3.16 13.13
N ALA B 87 -12.67 2.68 14.15
CA ALA B 87 -11.83 3.55 14.96
C ALA B 87 -10.74 4.19 14.10
N SER B 88 -10.34 5.40 14.47
CA SER B 88 -9.22 6.05 13.82
C SER B 88 -7.96 5.20 13.99
N LEU B 89 -6.95 5.50 13.18
CA LEU B 89 -5.73 4.69 13.21
C LEU B 89 -5.06 4.76 14.58
N ARG B 90 -5.15 5.90 15.26
CA ARG B 90 -4.47 6.04 16.54
C ARG B 90 -5.07 5.13 17.61
N SER B 91 -6.36 4.81 17.52
CA SER B 91 -7.03 4.02 18.53
C SER B 91 -7.47 2.65 18.02
N ALA B 92 -7.18 2.30 16.77
CA ALA B 92 -7.64 1.03 16.22
C ALA B 92 -6.98 -0.16 16.88
N TYR B 93 -5.69 -0.03 17.26
CA TYR B 93 -5.00 -1.15 17.90
C TYR B 93 -5.63 -1.48 19.24
N ASP B 94 -5.86 -0.46 20.08
CA ASP B 94 -6.41 -0.70 21.41
C ASP B 94 -7.80 -1.31 21.33
N SER B 95 -8.68 -0.68 20.56
CA SER B 95 -10.07 -1.16 20.48
C SER B 95 -10.14 -2.57 19.94
N THR B 96 -9.30 -2.90 18.95
CA THR B 96 -9.28 -4.24 18.41
C THR B 96 -8.80 -5.24 19.45
N MET B 97 -7.72 -4.92 20.17
CA MET B 97 -7.24 -5.80 21.22
C MET B 97 -8.30 -5.98 22.31
N GLU B 98 -9.04 -4.91 22.62
CA GLU B 98 -10.10 -5.02 23.61
C GLU B 98 -11.20 -5.97 23.12
N THR B 99 -11.56 -5.88 21.83
CA THR B 99 -12.60 -6.74 21.28
C THR B 99 -12.25 -8.21 21.48
N MET B 100 -11.01 -8.59 21.15
CA MET B 100 -10.60 -9.99 21.24
C MET B 100 -10.53 -10.51 22.68
N ASN B 101 -10.94 -9.73 23.68
CA ASN B 101 -11.16 -10.24 25.02
C ASN B 101 -12.56 -10.85 25.19
N TYR B 102 -13.47 -10.60 24.25
CA TYR B 102 -14.80 -11.18 24.26
C TYR B 102 -14.80 -12.35 23.29
N ALA B 103 -14.77 -13.57 23.83
CA ALA B 103 -14.69 -14.77 23.02
C ALA B 103 -15.89 -14.93 22.08
N GLN B 104 -16.95 -14.14 22.26
CA GLN B 104 -18.09 -14.21 21.36
C GLN B 104 -17.76 -13.69 19.97
N ILE B 105 -16.76 -12.83 19.85
CA ILE B 105 -16.41 -12.23 18.56
C ILE B 105 -15.51 -13.20 17.81
N ARG B 106 -15.99 -13.69 16.66
CA ARG B 106 -15.21 -14.58 15.81
C ARG B 106 -14.65 -13.89 14.57
N THR B 107 -15.18 -12.72 14.21
CA THR B 107 -14.72 -12.01 13.02
C THR B 107 -14.69 -10.52 13.32
N ILE B 108 -13.56 -9.88 13.05
CA ILE B 108 -13.39 -8.45 13.24
C ILE B 108 -12.99 -7.82 11.90
N ALA B 109 -13.61 -6.69 11.59
CA ALA B 109 -13.24 -5.90 10.41
C ALA B 109 -12.57 -4.62 10.89
N ILE B 110 -11.35 -4.39 10.44
CA ILE B 110 -10.59 -3.20 10.80
C ILE B 110 -10.54 -2.30 9.58
N ILE B 111 -11.22 -1.16 9.64
CA ILE B 111 -11.31 -0.27 8.49
C ILE B 111 -10.07 0.59 8.35
N ALA B 112 -9.51 1.04 9.47
CA ALA B 112 -8.54 2.13 9.44
C ALA B 112 -7.30 1.78 8.62
N GLU B 113 -6.85 2.75 7.84
CA GLU B 113 -5.57 2.68 7.17
C GLU B 113 -4.54 3.52 7.93
N GLY B 114 -3.30 3.08 7.90
CA GLY B 114 -2.23 3.78 8.58
C GLY B 114 -1.79 3.16 9.88
N ILE B 115 -2.26 1.97 10.22
CA ILE B 115 -1.82 1.31 11.45
C ILE B 115 -0.39 0.80 11.25
N PRO B 116 0.55 1.13 12.14
CA PRO B 116 1.92 0.61 11.99
C PRO B 116 1.92 -0.91 11.87
N GLU B 117 2.76 -1.40 10.96
CA GLU B 117 2.80 -2.83 10.67
C GLU B 117 3.16 -3.65 11.91
N ALA B 118 4.06 -3.14 12.73
CA ALA B 118 4.42 -3.84 13.96
C ALA B 118 3.21 -4.04 14.86
N LEU B 119 2.29 -3.08 14.87
CA LEU B 119 1.08 -3.23 15.68
C LEU B 119 0.15 -4.27 15.07
N THR B 120 -0.07 -4.20 13.76
CA THR B 120 -0.92 -5.18 13.10
C THR B 120 -0.36 -6.59 13.23
N ARG B 121 0.97 -6.73 13.24
CA ARG B 121 1.57 -8.02 13.53
C ARG B 121 1.14 -8.53 14.90
N LYS B 122 1.01 -7.63 15.87
CA LYS B 122 0.57 -8.04 17.21
C LYS B 122 -0.90 -8.41 17.21
N LEU B 123 -1.72 -7.71 16.44
CA LEU B 123 -3.12 -8.08 16.30
C LEU B 123 -3.25 -9.47 15.69
N ILE B 124 -2.48 -9.74 14.63
CA ILE B 124 -2.53 -11.04 13.97
C ILE B 124 -2.22 -12.16 14.95
N LYS B 125 -1.22 -11.95 15.81
CA LYS B 125 -0.80 -13.03 16.70
C LYS B 125 -1.89 -13.37 17.71
N LYS B 126 -2.58 -12.36 18.24
CA LYS B 126 -3.66 -12.61 19.19
C LYS B 126 -4.82 -13.33 18.51
N ALA B 127 -5.24 -12.83 17.34
CA ALA B 127 -6.33 -13.48 16.61
C ALA B 127 -5.96 -14.90 16.21
N ASP B 128 -4.72 -15.11 15.76
CA ASP B 128 -4.26 -16.44 15.40
C ASP B 128 -4.47 -17.42 16.53
N GLN B 129 -4.10 -17.04 17.75
CA GLN B 129 -4.22 -17.94 18.89
C GLN B 129 -5.66 -18.08 19.36
N LYS B 130 -6.51 -17.10 19.06
CA LYS B 130 -7.91 -17.12 19.49
C LYS B 130 -8.87 -17.52 18.39
N GLY B 131 -8.37 -17.83 17.19
CA GLY B 131 -9.24 -18.26 16.12
C GLY B 131 -10.12 -17.18 15.55
N VAL B 132 -9.83 -15.92 15.82
CA VAL B 132 -10.62 -14.82 15.27
C VAL B 132 -10.13 -14.50 13.87
N THR B 133 -11.07 -14.28 12.96
CA THR B 133 -10.76 -13.85 11.60
C THR B 133 -10.76 -12.32 11.56
N ILE B 134 -9.62 -11.74 11.20
CA ILE B 134 -9.52 -10.29 11.00
C ILE B 134 -9.56 -10.02 9.50
N ILE B 135 -10.46 -9.14 9.09
CA ILE B 135 -10.54 -8.66 7.72
C ILE B 135 -10.10 -7.20 7.75
N GLY B 136 -8.92 -6.94 7.19
CA GLY B 136 -8.30 -5.63 7.29
C GLY B 136 -6.87 -5.79 7.79
N PRO B 137 -6.22 -4.67 8.16
CA PRO B 137 -6.76 -3.31 8.15
C PRO B 137 -6.81 -2.68 6.76
N ALA B 138 -7.22 -1.41 6.71
CA ALA B 138 -7.23 -0.63 5.47
C ALA B 138 -8.12 -1.30 4.42
N THR B 139 -9.33 -1.66 4.83
CA THR B 139 -10.29 -2.29 3.94
C THR B 139 -11.63 -1.59 4.07
N VAL B 140 -12.44 -1.70 3.02
CA VAL B 140 -13.85 -1.37 3.16
C VAL B 140 -14.59 -2.55 3.79
N GLY B 141 -14.07 -3.76 3.61
CA GLY B 141 -14.62 -4.94 4.26
C GLY B 141 -14.91 -6.07 3.29
N GLY B 142 -16.15 -6.16 2.86
CA GLY B 142 -16.59 -7.26 2.03
C GLY B 142 -18.10 -7.37 2.05
N ILE B 143 -18.62 -8.26 1.22
CA ILE B 143 -20.06 -8.40 1.06
C ILE B 143 -20.39 -9.86 0.79
N LYS B 144 -21.44 -10.34 1.43
CA LYS B 144 -21.99 -11.68 1.18
C LYS B 144 -23.44 -11.50 0.73
N PRO B 145 -23.71 -11.46 -0.57
CA PRO B 145 -25.07 -11.15 -1.03
C PRO B 145 -26.12 -12.03 -0.39
N GLY B 146 -27.27 -11.42 -0.06
CA GLY B 146 -28.35 -12.08 0.62
C GLY B 146 -28.19 -12.16 2.12
N CYS B 147 -26.99 -11.98 2.65
CA CYS B 147 -26.71 -12.26 4.05
C CYS B 147 -26.18 -11.05 4.82
N PHE B 148 -25.12 -10.41 4.34
CA PHE B 148 -24.37 -9.52 5.20
C PHE B 148 -23.34 -8.75 4.39
N LYS B 149 -23.22 -7.44 4.67
CA LYS B 149 -22.20 -6.61 4.05
C LYS B 149 -21.54 -5.74 5.13
N ILE B 150 -20.22 -5.59 5.02
CA ILE B 150 -19.43 -4.88 6.02
C ILE B 150 -19.46 -3.39 5.68
N GLY B 151 -20.12 -2.61 6.53
CA GLY B 151 -20.10 -1.16 6.42
C GLY B 151 -20.47 -0.64 5.05
N ASN B 152 -19.56 0.13 4.44
CA ASN B 152 -19.83 0.80 3.18
C ASN B 152 -19.72 -0.11 1.98
N THR B 153 -19.22 -1.34 2.14
CA THR B 153 -19.04 -2.23 1.01
C THR B 153 -20.34 -2.37 0.24
N GLY B 154 -20.25 -2.33 -1.08
CA GLY B 154 -21.41 -2.46 -1.94
C GLY B 154 -22.14 -1.17 -2.20
N GLY B 155 -21.91 -0.14 -1.40
CA GLY B 155 -22.47 1.17 -1.68
C GLY B 155 -23.93 1.27 -1.28
N MET B 156 -24.66 2.09 -2.03
CA MET B 156 -26.06 2.32 -1.68
CA MET B 156 -26.07 2.38 -1.77
C MET B 156 -26.96 1.35 -2.44
N LEU B 157 -28.26 1.47 -2.18
CA LEU B 157 -29.22 0.50 -2.68
C LEU B 157 -29.17 0.37 -4.19
N ASP B 158 -29.07 1.49 -4.91
CA ASP B 158 -29.09 1.44 -6.36
C ASP B 158 -27.97 0.57 -6.92
N ASN B 159 -26.81 0.57 -6.28
CA ASN B 159 -25.73 -0.33 -6.71
C ASN B 159 -26.01 -1.76 -6.31
N ILE B 160 -26.61 -1.96 -5.12
CA ILE B 160 -26.99 -3.30 -4.69
C ILE B 160 -28.02 -3.90 -5.64
N LEU B 161 -28.90 -3.06 -6.19
CA LEU B 161 -29.87 -3.55 -7.17
C LEU B 161 -29.20 -3.83 -8.51
N ALA B 162 -28.39 -2.88 -8.99
CA ALA B 162 -27.81 -3.01 -10.32
C ALA B 162 -26.93 -4.25 -10.43
N SER B 163 -26.18 -4.58 -9.38
CA SER B 163 -25.28 -5.73 -9.38
C SER B 163 -25.91 -6.97 -8.77
N LYS B 164 -27.22 -6.98 -8.57
CA LYS B 164 -27.93 -8.17 -8.07
C LYS B 164 -27.28 -8.70 -6.81
N LEU B 165 -26.90 -7.79 -5.91
CA LEU B 165 -26.23 -8.17 -4.67
C LEU B 165 -27.18 -8.54 -3.55
N TYR B 166 -28.48 -8.66 -3.86
CA TYR B 166 -29.47 -9.07 -2.89
C TYR B 166 -29.68 -10.58 -2.85
N ARG B 167 -29.01 -11.34 -3.71
CA ARG B 167 -29.08 -12.79 -3.67
C ARG B 167 -27.79 -13.36 -4.22
N PRO B 168 -27.35 -14.52 -3.73
CA PRO B 168 -26.04 -15.04 -4.14
C PRO B 168 -26.07 -15.78 -5.46
N GLY B 169 -25.00 -15.61 -6.24
CA GLY B 169 -24.70 -16.49 -7.35
C GLY B 169 -23.77 -17.60 -6.91
N SER B 170 -22.81 -17.97 -7.76
CA SER B 170 -21.90 -19.07 -7.46
C SER B 170 -20.44 -18.66 -7.44
N VAL B 171 -20.14 -17.36 -7.53
CA VAL B 171 -18.78 -16.87 -7.73
C VAL B 171 -18.34 -16.14 -6.47
N ALA B 172 -17.29 -16.66 -5.83
CA ALA B 172 -16.65 -15.99 -4.72
C ALA B 172 -15.38 -15.30 -5.19
N TYR B 173 -15.08 -14.14 -4.62
CA TYR B 173 -13.87 -13.42 -4.96
C TYR B 173 -13.19 -12.91 -3.69
N VAL B 174 -11.90 -12.61 -3.83
CA VAL B 174 -11.12 -11.95 -2.79
C VAL B 174 -10.19 -10.97 -3.46
N SER B 175 -10.14 -9.74 -2.96
CA SER B 175 -9.32 -8.68 -3.52
CA SER B 175 -9.30 -8.70 -3.52
C SER B 175 -8.61 -7.95 -2.40
N ARG B 176 -7.50 -7.30 -2.76
CA ARG B 176 -6.86 -6.38 -1.81
C ARG B 176 -7.59 -5.05 -1.78
N SER B 177 -8.11 -4.62 -2.93
CA SER B 177 -8.64 -3.28 -3.11
C SER B 177 -10.13 -3.22 -2.79
N GLY B 178 -10.52 -2.23 -1.99
CA GLY B 178 -11.92 -2.05 -1.68
C GLY B 178 -12.71 -1.54 -2.87
N GLY B 179 -12.21 -0.48 -3.52
CA GLY B 179 -12.89 0.06 -4.67
C GLY B 179 -13.04 -0.95 -5.80
N MET B 180 -11.99 -1.72 -6.06
CA MET B 180 -12.06 -2.74 -7.11
C MET B 180 -12.98 -3.88 -6.72
N SER B 181 -13.22 -4.10 -5.43
CA SER B 181 -14.15 -5.15 -5.02
CA SER B 181 -14.16 -5.14 -5.02
C SER B 181 -15.56 -4.84 -5.52
N ASN B 182 -15.95 -3.56 -5.52
CA ASN B 182 -17.25 -3.20 -6.05
C ASN B 182 -17.26 -3.26 -7.57
N GLU B 183 -16.10 -3.09 -8.20
CA GLU B 183 -16.02 -3.34 -9.64
C GLU B 183 -16.13 -4.83 -9.93
N LEU B 184 -15.55 -5.67 -9.07
CA LEU B 184 -15.72 -7.11 -9.21
C LEU B 184 -17.19 -7.50 -9.00
N ASN B 185 -17.87 -6.84 -8.07
CA ASN B 185 -19.32 -7.02 -7.96
C ASN B 185 -19.99 -6.76 -9.30
N ASN B 186 -19.62 -5.67 -9.96
CA ASN B 186 -20.24 -5.30 -11.22
C ASN B 186 -19.87 -6.28 -12.33
N ILE B 187 -18.59 -6.61 -12.45
CA ILE B 187 -18.15 -7.49 -13.53
C ILE B 187 -18.75 -8.89 -13.35
N ILE B 188 -18.69 -9.43 -12.13
CA ILE B 188 -19.18 -10.78 -11.90
C ILE B 188 -20.67 -10.86 -12.14
N SER B 189 -21.42 -9.85 -11.69
CA SER B 189 -22.87 -9.88 -11.89
C SER B 189 -23.24 -9.81 -13.36
N ARG B 190 -22.41 -9.14 -14.17
CA ARG B 190 -22.70 -9.00 -15.60
C ARG B 190 -22.30 -10.23 -16.40
N THR B 191 -21.52 -11.15 -15.84
CA THR B 191 -21.02 -12.30 -16.58
C THR B 191 -21.33 -13.65 -15.96
N THR B 192 -21.88 -13.69 -14.74
CA THR B 192 -22.20 -14.95 -14.09
C THR B 192 -23.57 -14.80 -13.43
N ASP B 193 -23.94 -15.79 -12.61
CA ASP B 193 -25.14 -15.69 -11.81
C ASP B 193 -24.97 -14.76 -10.61
N GLY B 194 -23.76 -14.27 -10.37
CA GLY B 194 -23.52 -13.22 -9.40
C GLY B 194 -22.54 -13.64 -8.32
N VAL B 195 -22.31 -12.70 -7.41
CA VAL B 195 -21.38 -12.90 -6.31
C VAL B 195 -22.02 -13.78 -5.24
N TYR B 196 -21.28 -14.78 -4.76
CA TYR B 196 -21.69 -15.51 -3.58
C TYR B 196 -21.09 -14.92 -2.31
N GLU B 197 -19.81 -14.56 -2.34
CA GLU B 197 -19.19 -13.84 -1.24
C GLU B 197 -17.96 -13.12 -1.76
N GLY B 198 -17.71 -11.94 -1.22
CA GLY B 198 -16.53 -11.16 -1.56
C GLY B 198 -15.89 -10.58 -0.34
N VAL B 199 -14.55 -10.60 -0.31
CA VAL B 199 -13.77 -10.09 0.81
C VAL B 199 -12.65 -9.23 0.26
N ALA B 200 -12.51 -8.03 0.81
CA ALA B 200 -11.37 -7.15 0.54
C ALA B 200 -10.43 -7.22 1.74
N ILE B 201 -9.24 -7.80 1.54
CA ILE B 201 -8.32 -8.03 2.65
C ILE B 201 -7.53 -6.80 3.04
N GLY B 202 -7.68 -5.69 2.31
CA GLY B 202 -6.93 -4.49 2.59
C GLY B 202 -5.58 -4.46 1.91
N GLY B 203 -4.99 -3.26 1.86
CA GLY B 203 -3.75 -3.04 1.15
C GLY B 203 -2.49 -3.06 1.99
N ASP B 204 -2.56 -3.50 3.24
CA ASP B 204 -1.43 -3.39 4.13
C ASP B 204 -0.46 -4.57 3.94
N ARG B 205 0.77 -4.38 4.43
CA ARG B 205 1.81 -5.38 4.21
C ARG B 205 1.41 -6.74 4.78
N TYR B 206 0.87 -6.75 5.99
CA TYR B 206 0.40 -7.98 6.64
C TYR B 206 -1.11 -7.86 6.87
N PRO B 207 -1.93 -8.36 5.95
CA PRO B 207 -3.38 -8.33 6.17
C PRO B 207 -3.78 -9.34 7.24
N GLY B 208 -4.81 -8.97 8.01
CA GLY B 208 -5.26 -9.84 9.08
C GLY B 208 -5.58 -11.25 8.61
N SER B 209 -6.18 -11.36 7.43
CA SER B 209 -6.42 -12.65 6.79
C SER B 209 -5.96 -12.55 5.36
N THR B 210 -5.23 -13.56 4.90
CA THR B 210 -4.57 -13.52 3.61
C THR B 210 -5.50 -13.99 2.49
N PHE B 211 -5.01 -13.86 1.25
CA PHE B 211 -5.75 -14.37 0.10
C PHE B 211 -6.11 -15.84 0.30
N MET B 212 -5.10 -16.66 0.59
CA MET B 212 -5.32 -18.10 0.71
C MET B 212 -6.30 -18.42 1.83
N ASP B 213 -6.28 -17.64 2.91
CA ASP B 213 -7.24 -17.86 4.00
C ASP B 213 -8.66 -17.93 3.46
N HIS B 214 -9.02 -17.01 2.58
CA HIS B 214 -10.38 -16.95 2.07
C HIS B 214 -10.59 -17.88 0.88
N VAL B 215 -9.57 -18.03 0.03
CA VAL B 215 -9.64 -19.02 -1.03
C VAL B 215 -9.90 -20.41 -0.44
N LEU B 216 -9.25 -20.71 0.69
CA LEU B 216 -9.49 -21.99 1.36
C LEU B 216 -10.94 -22.10 1.81
N ARG B 217 -11.46 -21.07 2.46
CA ARG B 217 -12.86 -21.08 2.86
C ARG B 217 -13.76 -21.35 1.65
N TYR B 218 -13.39 -20.79 0.49
CA TYR B 218 -14.21 -20.98 -0.70
C TYR B 218 -14.14 -22.40 -1.22
N GLN B 219 -12.98 -23.04 -1.12
CA GLN B 219 -12.87 -24.44 -1.49
C GLN B 219 -13.78 -25.32 -0.63
N ASP B 220 -14.03 -24.92 0.61
CA ASP B 220 -14.86 -25.67 1.53
C ASP B 220 -16.32 -25.23 1.53
N THR B 221 -16.69 -24.31 0.64
CA THR B 221 -18.06 -23.81 0.60
C THR B 221 -18.77 -24.43 -0.60
N PRO B 222 -19.82 -25.23 -0.41
CA PRO B 222 -20.42 -25.91 -1.57
C PRO B 222 -21.08 -24.96 -2.55
N GLY B 223 -21.79 -23.95 -2.06
CA GLY B 223 -22.42 -22.97 -2.94
C GLY B 223 -21.46 -22.23 -3.82
N VAL B 224 -20.15 -22.31 -3.53
CA VAL B 224 -19.13 -21.67 -4.34
C VAL B 224 -18.65 -22.68 -5.37
N LYS B 225 -18.81 -22.33 -6.65
CA LYS B 225 -18.35 -23.18 -7.73
C LYS B 225 -17.11 -22.67 -8.44
N MET B 226 -16.85 -21.37 -8.38
CA MET B 226 -15.61 -20.82 -8.95
C MET B 226 -15.15 -19.66 -8.09
N ILE B 227 -13.86 -19.35 -8.20
CA ILE B 227 -13.19 -18.38 -7.34
C ILE B 227 -12.43 -17.39 -8.22
N VAL B 228 -12.55 -16.11 -7.89
CA VAL B 228 -11.80 -15.04 -8.54
C VAL B 228 -10.88 -14.40 -7.51
N VAL B 229 -9.65 -14.11 -7.91
CA VAL B 229 -8.68 -13.45 -7.04
C VAL B 229 -8.10 -12.26 -7.79
N LEU B 230 -8.28 -11.06 -7.24
CA LEU B 230 -7.61 -9.87 -7.75
C LEU B 230 -6.37 -9.66 -6.88
N GLY B 231 -5.29 -10.33 -7.25
CA GLY B 231 -4.05 -10.22 -6.53
C GLY B 231 -3.36 -8.90 -6.80
N GLU B 232 -2.12 -8.79 -6.30
CA GLU B 232 -1.44 -7.51 -6.35
C GLU B 232 0.05 -7.70 -6.19
N ILE B 233 0.80 -6.74 -6.75
CA ILE B 233 2.25 -6.70 -6.57
C ILE B 233 2.57 -6.54 -5.09
N GLY B 234 3.65 -7.22 -4.66
CA GLY B 234 4.09 -7.15 -3.28
C GLY B 234 3.83 -8.42 -2.50
N GLY B 235 4.83 -8.86 -1.75
CA GLY B 235 4.70 -10.09 -0.97
C GLY B 235 4.68 -11.32 -1.88
N THR B 236 4.51 -12.47 -1.22
CA THR B 236 4.51 -13.77 -1.91
C THR B 236 3.24 -14.54 -1.60
N GLU B 237 2.15 -13.84 -1.31
CA GLU B 237 0.94 -14.51 -0.86
C GLU B 237 0.36 -15.42 -1.94
N GLU B 238 0.19 -14.88 -3.15
CA GLU B 238 -0.49 -15.63 -4.20
C GLU B 238 0.22 -16.95 -4.52
N TYR B 239 1.49 -17.10 -4.14
CA TYR B 239 2.18 -18.37 -4.34
C TYR B 239 1.55 -19.50 -3.53
N LYS B 240 0.87 -19.18 -2.43
CA LYS B 240 0.16 -20.21 -1.68
C LYS B 240 -0.91 -20.87 -2.52
N ILE B 241 -1.47 -20.14 -3.49
CA ILE B 241 -2.51 -20.71 -4.35
C ILE B 241 -1.89 -21.72 -5.31
N CYS B 242 -0.75 -21.39 -5.90
CA CYS B 242 -0.01 -22.36 -6.71
C CYS B 242 0.23 -23.63 -5.91
N ARG B 243 0.68 -23.48 -4.67
CA ARG B 243 0.90 -24.63 -3.80
C ARG B 243 -0.41 -25.37 -3.54
N GLY B 244 -1.45 -24.64 -3.13
CA GLY B 244 -2.72 -25.27 -2.82
C GLY B 244 -3.21 -26.17 -3.94
N ILE B 245 -3.11 -25.70 -5.18
CA ILE B 245 -3.52 -26.53 -6.31
C ILE B 245 -2.60 -27.73 -6.45
N LYS B 246 -1.29 -27.51 -6.34
CA LYS B 246 -0.31 -28.57 -6.52
C LYS B 246 -0.57 -29.72 -5.54
N GLU B 247 -1.06 -29.42 -4.35
CA GLU B 247 -1.24 -30.41 -3.31
C GLU B 247 -2.62 -31.08 -3.36
N GLY B 248 -3.46 -30.72 -4.32
CA GLY B 248 -4.81 -31.25 -4.37
C GLY B 248 -5.78 -30.59 -3.43
N ARG B 249 -5.37 -29.52 -2.74
CA ARG B 249 -6.27 -28.83 -1.83
C ARG B 249 -7.24 -27.92 -2.58
N LEU B 250 -6.77 -27.30 -3.66
CA LEU B 250 -7.59 -26.40 -4.47
C LEU B 250 -7.99 -27.11 -5.75
N THR B 251 -9.27 -27.43 -5.87
CA THR B 251 -9.80 -28.15 -7.02
C THR B 251 -10.77 -27.34 -7.85
N LYS B 252 -11.55 -26.46 -7.25
CA LYS B 252 -12.48 -25.66 -8.01
C LYS B 252 -11.73 -24.70 -8.92
N PRO B 253 -12.32 -24.28 -10.02
CA PRO B 253 -11.64 -23.33 -10.91
C PRO B 253 -11.30 -22.04 -10.18
N ILE B 254 -10.14 -21.48 -10.50
CA ILE B 254 -9.67 -20.24 -9.89
C ILE B 254 -9.21 -19.30 -10.99
N VAL B 255 -9.80 -18.10 -11.03
CA VAL B 255 -9.36 -17.03 -11.90
C VAL B 255 -8.56 -16.05 -11.06
N CYS B 256 -7.40 -15.63 -11.56
CA CYS B 256 -6.57 -14.67 -10.84
C CYS B 256 -5.91 -13.71 -11.81
N TRP B 257 -5.95 -12.43 -11.45
CA TRP B 257 -5.12 -11.40 -12.07
C TRP B 257 -4.46 -10.61 -10.96
N CYS B 258 -3.14 -10.43 -11.07
CA CYS B 258 -2.40 -9.58 -10.14
C CYS B 258 -2.13 -8.24 -10.80
N ILE B 259 -2.51 -7.16 -10.12
CA ILE B 259 -2.32 -5.82 -10.65
C ILE B 259 -0.92 -5.35 -10.29
N GLY B 260 -0.40 -4.42 -11.08
CA GLY B 260 0.91 -3.84 -10.82
C GLY B 260 1.94 -4.25 -11.84
N THR B 261 1.50 -4.58 -13.06
CA THR B 261 2.43 -4.99 -14.11
C THR B 261 3.27 -3.82 -14.62
N CYS B 262 2.76 -2.59 -14.49
CA CYS B 262 3.50 -1.44 -14.96
C CYS B 262 4.82 -1.28 -14.22
N ALA B 263 4.87 -1.67 -12.95
CA ALA B 263 6.08 -1.47 -12.16
C ALA B 263 7.28 -2.16 -12.78
N THR B 264 7.07 -3.23 -13.55
CA THR B 264 8.16 -3.87 -14.26
C THR B 264 8.75 -2.97 -15.35
N MET B 265 7.98 -1.99 -15.81
CA MET B 265 8.41 -1.09 -16.87
C MET B 265 8.92 0.26 -16.35
N PHE B 266 8.90 0.48 -15.03
CA PHE B 266 9.41 1.71 -14.47
C PHE B 266 10.91 1.59 -14.23
N SER B 267 11.62 2.70 -14.47
CA SER B 267 13.07 2.69 -14.33
C SER B 267 13.53 2.73 -12.88
N SER B 268 12.65 3.06 -11.95
CA SER B 268 12.96 2.99 -10.53
C SER B 268 11.67 2.73 -9.76
N GLU B 269 11.80 2.59 -8.45
CA GLU B 269 10.67 2.17 -7.62
C GLU B 269 9.60 3.26 -7.56
N VAL B 270 8.34 2.83 -7.56
CA VAL B 270 7.19 3.70 -7.33
C VAL B 270 6.29 3.01 -6.32
N GLN B 271 6.06 3.67 -5.19
CA GLN B 271 5.16 3.13 -4.18
C GLN B 271 3.72 3.45 -4.57
N PHE B 272 2.89 2.42 -4.62
CA PHE B 272 1.47 2.61 -4.92
C PHE B 272 0.69 2.84 -3.62
N GLY B 273 -0.57 3.21 -3.79
CA GLY B 273 -1.43 3.56 -2.66
C GLY B 273 -1.41 2.55 -1.53
N NEP B 274 -1.48 1.27 -1.88
CA NEP B 274 -1.57 0.20 -0.86
C NEP B 274 -0.17 0.06 -0.24
O NEP B 274 0.83 -0.11 -0.90
CB NEP B 274 -1.98 -1.12 -1.54
CG NEP B 274 -3.39 -1.14 -2.01
ND1 NEP B 274 -3.88 -2.12 -2.86
CD2 NEP B 274 -4.38 -0.24 -1.71
CE1 NEP B 274 -5.13 -1.83 -3.08
NE2 NEP B 274 -5.54 -0.66 -2.39
P NEP B 274 -7.04 0.08 -2.37
O1P NEP B 274 -7.84 -0.64 -1.21
O2P NEP B 274 -7.89 0.17 -3.54
O3P NEP B 274 -6.84 1.55 -1.82
HA NEP B 274 -2.30 0.49 -0.11
HB2 NEP B 274 -1.83 -1.96 -0.87
HB3 NEP B 274 -1.33 -1.32 -2.39
HD2 NEP B 274 -4.36 0.65 -1.09
HE1 NEP B 274 -5.81 -2.41 -3.70
N ALA B 275 -0.15 0.14 1.09
CA ALA B 275 1.09 0.13 1.85
C ALA B 275 1.94 -1.10 1.57
N GLY B 276 1.31 -2.21 1.20
CA GLY B 276 2.00 -3.43 0.91
C GLY B 276 2.35 -3.64 -0.56
N ALA B 277 2.19 -2.61 -1.39
CA ALA B 277 2.39 -2.75 -2.83
C ALA B 277 3.85 -2.89 -3.24
N CYS B 278 4.80 -2.81 -2.31
CA CYS B 278 6.21 -2.82 -2.66
C CYS B 278 6.69 -4.24 -2.94
N ALA B 279 7.38 -4.41 -4.07
CA ALA B 279 7.99 -5.69 -4.44
C ALA B 279 9.45 -5.66 -3.98
N ASN B 280 9.77 -6.46 -2.96
CA ASN B 280 11.10 -6.46 -2.37
C ASN B 280 12.05 -7.45 -3.05
N GLN B 281 11.54 -8.51 -3.65
CA GLN B 281 12.35 -9.43 -4.45
C GLN B 281 11.69 -9.61 -5.81
N ALA B 282 12.42 -10.24 -6.73
CA ALA B 282 11.93 -10.37 -8.10
C ALA B 282 10.64 -11.18 -8.15
N SER B 283 10.45 -12.10 -7.22
CA SER B 283 9.27 -12.95 -7.23
C SER B 283 8.00 -12.24 -6.79
N GLU B 284 8.10 -11.03 -6.24
CA GLU B 284 6.94 -10.31 -5.72
C GLU B 284 6.32 -9.38 -6.75
N THR B 285 6.83 -9.36 -7.99
CA THR B 285 6.26 -8.52 -9.02
C THR B 285 4.98 -9.13 -9.55
N ALA B 286 4.08 -8.27 -10.05
CA ALA B 286 2.82 -8.75 -10.58
C ALA B 286 3.03 -9.66 -11.78
N VAL B 287 4.02 -9.36 -12.61
CA VAL B 287 4.30 -10.18 -13.78
C VAL B 287 4.79 -11.55 -13.37
N ALA B 288 5.68 -11.62 -12.39
CA ALA B 288 6.23 -12.91 -11.95
C ALA B 288 5.15 -13.77 -11.33
N LYS B 289 4.20 -13.17 -10.62
CA LYS B 289 3.16 -13.95 -9.95
C LYS B 289 2.09 -14.40 -10.92
N ASN B 290 1.70 -13.54 -11.87
CA ASN B 290 0.77 -13.97 -12.91
C ASN B 290 1.31 -15.18 -13.66
N GLN B 291 2.60 -15.14 -14.04
CA GLN B 291 3.19 -16.23 -14.78
C GLN B 291 3.17 -17.53 -13.97
N ALA B 292 3.54 -17.44 -12.68
CA ALA B 292 3.55 -18.63 -11.85
C ALA B 292 2.15 -19.20 -11.67
N LEU B 293 1.13 -18.33 -11.64
CA LEU B 293 -0.24 -18.81 -11.46
C LEU B 293 -0.71 -19.57 -12.69
N LYS B 294 -0.47 -19.03 -13.88
CA LYS B 294 -0.89 -19.71 -15.10
C LYS B 294 -0.25 -21.10 -15.19
N GLU B 295 1.03 -21.21 -14.85
CA GLU B 295 1.71 -22.49 -14.90
C GLU B 295 1.19 -23.47 -13.85
N ALA B 296 0.53 -22.97 -12.81
CA ALA B 296 -0.02 -23.84 -11.77
C ALA B 296 -1.46 -24.27 -12.06
N GLY B 297 -2.03 -23.85 -13.18
CA GLY B 297 -3.38 -24.21 -13.54
C GLY B 297 -4.42 -23.14 -13.24
N VAL B 298 -4.01 -21.97 -12.77
CA VAL B 298 -4.94 -20.87 -12.54
C VAL B 298 -5.30 -20.25 -13.89
N PHE B 299 -6.55 -19.80 -14.00
CA PHE B 299 -7.02 -19.13 -15.22
C PHE B 299 -6.64 -17.66 -15.11
N VAL B 300 -5.59 -17.27 -15.84
CA VAL B 300 -5.03 -15.94 -15.77
C VAL B 300 -5.27 -15.24 -17.11
N PRO B 301 -5.90 -14.07 -17.13
CA PRO B 301 -6.05 -13.34 -18.39
C PRO B 301 -4.75 -12.63 -18.78
N ARG B 302 -4.74 -12.10 -20.00
CA ARG B 302 -3.58 -11.33 -20.46
C ARG B 302 -3.46 -10.03 -19.70
N SER B 303 -4.58 -9.45 -19.28
CA SER B 303 -4.63 -8.14 -18.66
C SER B 303 -5.95 -8.01 -17.93
N PHE B 304 -6.05 -6.97 -17.09
CA PHE B 304 -7.32 -6.69 -16.45
C PHE B 304 -8.39 -6.39 -17.50
N ASP B 305 -8.00 -5.75 -18.60
CA ASP B 305 -8.85 -5.52 -19.76
C ASP B 305 -9.73 -6.72 -20.07
N GLU B 306 -9.19 -7.93 -19.91
CA GLU B 306 -9.86 -9.15 -20.32
C GLU B 306 -10.23 -10.04 -19.14
N LEU B 307 -10.30 -9.48 -17.92
CA LEU B 307 -10.61 -10.29 -16.76
C LEU B 307 -12.05 -10.80 -16.81
N GLY B 308 -13.01 -9.91 -17.07
CA GLY B 308 -14.38 -10.35 -17.18
C GLY B 308 -14.58 -11.39 -18.27
N GLU B 309 -13.79 -11.30 -19.33
CA GLU B 309 -13.90 -12.25 -20.44
C GLU B 309 -13.53 -13.66 -20.00
N ILE B 310 -12.48 -13.80 -19.17
CA ILE B 310 -12.09 -15.13 -18.73
C ILE B 310 -13.01 -15.64 -17.64
N ILE B 311 -13.57 -14.74 -16.82
CA ILE B 311 -14.53 -15.17 -15.81
C ILE B 311 -15.76 -15.79 -16.46
N GLN B 312 -16.27 -15.13 -17.50
CA GLN B 312 -17.42 -15.67 -18.23
C GLN B 312 -17.10 -17.02 -18.86
N SER B 313 -15.87 -17.17 -19.37
CA SER B 313 -15.49 -18.43 -19.99
C SER B 313 -15.48 -19.57 -18.98
N VAL B 314 -14.91 -19.32 -17.80
CA VAL B 314 -14.88 -20.36 -16.76
C VAL B 314 -16.30 -20.68 -16.30
N TYR B 315 -17.14 -19.66 -16.17
CA TYR B 315 -18.51 -19.86 -15.69
C TYR B 315 -19.29 -20.77 -16.62
N GLU B 316 -19.23 -20.48 -17.93
CA GLU B 316 -20.03 -21.23 -18.88
C GLU B 316 -19.58 -22.68 -18.99
N ASP B 317 -18.26 -22.92 -18.97
CA ASP B 317 -17.76 -24.30 -18.93
C ASP B 317 -18.24 -25.00 -17.66
N LEU B 318 -18.45 -24.26 -16.58
CA LEU B 318 -18.98 -24.85 -15.36
C LEU B 318 -20.47 -25.12 -15.48
N VAL B 319 -21.21 -24.23 -16.14
CA VAL B 319 -22.63 -24.48 -16.41
C VAL B 319 -22.78 -25.67 -17.34
N ALA B 320 -21.88 -25.80 -18.32
CA ALA B 320 -21.93 -26.91 -19.26
C ALA B 320 -21.95 -28.24 -18.53
N ASN B 321 -21.00 -28.46 -17.63
CA ASN B 321 -20.91 -29.70 -16.88
C ASN B 321 -21.90 -29.77 -15.72
N GLY B 322 -22.90 -28.90 -15.70
CA GLY B 322 -23.91 -28.96 -14.66
C GLY B 322 -23.38 -28.76 -13.26
N VAL B 323 -22.31 -27.98 -13.10
CA VAL B 323 -21.80 -27.69 -11.78
C VAL B 323 -22.58 -26.56 -11.13
N ILE B 324 -22.99 -25.57 -11.91
CA ILE B 324 -23.86 -24.51 -11.43
C ILE B 324 -25.31 -24.93 -11.64
CAC FLC C . -11.02 3.69 -0.93
CA FLC C . -12.51 3.44 -1.13
CB FLC C . -13.19 4.33 -2.19
CBC FLC C . -14.71 4.03 -2.23
CG FLC C . -12.60 4.08 -3.57
CGC FLC C . -13.22 4.89 -4.70
OA1 FLC C . -10.24 3.35 -1.84
OA2 FLC C . -10.67 4.22 0.15
OB1 FLC C . -15.48 4.96 -2.00
OB2 FLC C . -15.02 2.87 -2.53
OG1 FLC C . -13.33 4.36 -5.83
OG2 FLC C . -13.60 6.06 -4.44
OHB FLC C . -13.00 5.71 -1.84
HA1 FLC C . -13.00 3.55 -0.17
HA2 FLC C . -12.68 2.41 -1.42
HG1 FLC C . -12.67 3.02 -3.79
HG2 FLC C . -11.53 4.28 -3.58
HOB FLC C . -13.48 5.82 -0.98
MG MG D . 28.11 -1.68 1.82
PB ADP E . 28.62 0.03 -0.84
O1B ADP E . 27.48 0.69 -1.54
O2B ADP E . 29.73 -0.44 -1.79
O3B ADP E . 28.16 -1.19 -0.01
PA ADP E . 30.21 0.89 1.48
O1A ADP E . 29.88 -0.37 2.17
O2A ADP E . 29.90 2.05 2.40
O3A ADP E . 29.30 1.04 0.19
O5' ADP E . 31.75 0.98 1.06
C5' ADP E . 32.43 0.01 0.24
C4' ADP E . 33.60 -0.56 1.00
O4' ADP E . 34.56 0.48 1.27
C3' ADP E . 33.26 -1.14 2.37
O3' ADP E . 32.85 -2.50 2.25
C2' ADP E . 34.60 -1.03 3.10
O2' ADP E . 35.49 -2.10 2.78
C1' ADP E . 35.15 0.29 2.55
N9 ADP E . 34.82 1.46 3.38
C8 ADP E . 33.66 2.18 3.36
N7 ADP E . 33.64 3.16 4.23
C5 ADP E . 34.86 3.08 4.85
C6 ADP E . 35.47 3.84 5.89
N6 ADP E . 34.89 4.88 6.47
N1 ADP E . 36.71 3.48 6.27
C2 ADP E . 37.31 2.45 5.68
N3 ADP E . 36.84 1.66 4.71
C4 ADP E . 35.62 2.03 4.34
HOB2 ADP E . 29.95 -1.40 -1.86
HOB3 ADP E . 27.36 -1.78 -0.12
HOA2 ADP E . 29.19 2.12 3.09
H5'1 ADP E . 32.73 0.44 -0.71
H5'2 ADP E . 31.65 -0.72 0.04
H4' ADP E . 34.15 -1.28 0.38
H3' ADP E . 32.47 -0.59 2.85
HO3' ADP E . 33.51 -3.06 2.73
H2' ADP E . 34.44 -0.98 4.17
HO2' ADP E . 36.03 -2.25 3.59
H1' ADP E . 36.22 0.28 2.41
H8 ADP E . 32.83 1.96 2.69
HN61 ADP E . 33.96 5.19 6.19
HN62 ADP E . 35.39 5.39 7.19
H2 ADP E . 38.31 2.23 6.04
MG MG F . -6.47 2.87 -0.23
#